data_8C89
#
_entry.id   8C89
#
loop_
_entity.id
_entity.type
_entity.pdbx_description
1 polymer "Spike protein S2'"
2 polymer '17T2 Fab heavy chain'
3 polymer '17T2 Fab light chain'
4 branched 2-acetamido-2-deoxy-beta-D-glucopyranose-(1-4)-2-acetamido-2-deoxy-beta-D-glucopyranose
#
loop_
_entity_poly.entity_id
_entity_poly.type
_entity_poly.pdbx_seq_one_letter_code
_entity_poly.pdbx_strand_id
1 'polypeptide(L)'
;ESIVRFPNITNLCPFDEVFNATRFASVYAWNRKRISNCVADYSVLYNLAPFFTFKCYGVSPTKLNDLCFTNVYADSFVIR
GDEVRQIAPGQTGNIADYNYKLPDDFTGCVIAWNSNKLDSKVSGNYNYLYRLFRKSNLKPFERDISTEIYQAGNKPCNGV
AGFNCYFPLRSYSFRPTYGVGHQPYRVVVLSFELLHAPATVCGPKKSTNL
;
C
2 'polypeptide(L)'
;QVQLVQSGPEVKKPGTSVKVSCKAPVFTFSISAVQWVRQARGQRLEWIGWIVVGSGNTNYAQNFQERVTITTDMSTGTVY
MELSGLRSEDTAMYYCAAPYCNRTTCYDGFDLWGQGTMVTVSSASTKGPSVFPLAPSSKSTSGGTAALGCLVKDYFPEPV
TVSWNSGALTSGVHTFPAVLQSSGLYSLSSVVTVPSSSLGTQTYICNVNHKPSNTKVDKRVEPKSC
;
H
3 'polypeptide(L)'
;EIVLTQSPGTLSLSPGERATLSCRASQSISSNYLAWYQQKPGQAPRLLIYGASSRATGIPDRFSGSGSGTDFTLSINRLE
PEDFAMYYCQHYGGLSRWTFGQGTKVEIKRTVAAPSVFIFPPSDEQLKSGTASVVCLLNNFYPREAKVQWKVDNALQSGN
SQESVTEQDSKDSTYSLSSTLTLSKADYEKHKVYACEVTHQGLSSPVTKSFNRGEC
;
L
#
# COMPACT_ATOMS: atom_id res chain seq x y z
N GLU A 1 47.63 29.70 53.10
CA GLU A 1 47.95 31.13 53.37
C GLU A 1 48.74 31.72 52.21
N SER A 2 48.94 30.91 51.17
CA SER A 2 49.67 31.33 49.98
C SER A 2 48.94 32.46 49.26
N ILE A 3 49.71 33.47 48.85
CA ILE A 3 49.18 34.61 48.12
C ILE A 3 48.97 34.23 46.65
N VAL A 4 47.74 34.42 46.18
CA VAL A 4 47.36 34.07 44.82
C VAL A 4 46.77 35.31 44.14
N ARG A 5 47.14 36.48 44.65
CA ARG A 5 46.62 37.75 44.15
C ARG A 5 46.96 37.92 42.67
N PHE A 6 45.95 38.33 41.89
CA PHE A 6 46.07 38.52 40.46
C PHE A 6 45.34 39.80 40.08
N PRO A 7 45.69 40.48 38.96
CA PRO A 7 44.89 41.57 38.44
C PRO A 7 43.40 41.28 38.29
N ASN A 8 42.63 42.33 38.03
CA ASN A 8 41.17 42.29 37.99
C ASN A 8 40.66 41.30 36.95
N ILE A 9 39.34 41.06 37.01
CA ILE A 9 38.62 40.11 36.17
C ILE A 9 38.77 40.43 34.68
N THR A 10 39.23 41.66 34.35
CA THR A 10 39.44 42.09 32.97
C THR A 10 38.08 42.14 32.26
N ASN A 11 37.92 41.41 31.16
CA ASN A 11 36.68 41.42 30.40
C ASN A 11 36.07 40.02 30.41
N LEU A 12 34.81 39.93 30.84
CA LEU A 12 34.06 38.69 30.81
C LEU A 12 34.05 38.17 29.39
N CYS A 13 34.36 36.89 29.23
CA CYS A 13 34.10 36.22 27.97
C CYS A 13 32.59 36.11 27.79
N PRO A 14 32.02 36.71 26.72
CA PRO A 14 30.56 36.69 26.58
C PRO A 14 30.07 35.31 26.19
N PHE A 15 29.50 34.63 27.20
CA PHE A 15 28.82 33.36 26.97
C PHE A 15 27.32 33.51 27.15
N ASP A 16 26.91 34.02 28.31
CA ASP A 16 25.49 34.22 28.58
C ASP A 16 24.86 35.13 27.55
N GLU A 17 25.68 35.94 26.86
CA GLU A 17 25.23 36.66 25.67
C GLU A 17 24.65 35.66 24.67
N VAL A 18 25.21 34.45 24.63
CA VAL A 18 24.74 33.40 23.75
C VAL A 18 23.67 32.58 24.45
N PHE A 19 23.94 32.13 25.68
CA PHE A 19 23.00 31.26 26.37
C PHE A 19 21.71 31.97 26.71
N ASN A 20 21.81 33.22 27.18
CA ASN A 20 20.62 34.00 27.44
C ASN A 20 20.05 34.51 26.11
N ALA A 21 19.70 33.57 25.22
CA ALA A 21 19.27 33.93 23.89
C ALA A 21 17.78 34.21 23.86
N THR A 22 17.42 35.26 23.12
CA THR A 22 16.03 35.57 22.84
C THR A 22 15.42 34.46 21.98
N ARG A 23 16.12 34.10 20.91
CA ARG A 23 15.75 32.99 20.05
C ARG A 23 17.02 32.31 19.60
N PHE A 24 17.09 31.00 19.84
CA PHE A 24 18.24 30.23 19.41
C PHE A 24 18.16 29.93 17.93
N ALA A 25 19.23 29.33 17.41
CA ALA A 25 19.34 29.03 15.99
C ALA A 25 18.92 27.59 15.73
N SER A 26 18.39 27.37 14.52
CA SER A 26 18.02 26.04 14.08
C SER A 26 19.29 25.23 13.79
N VAL A 27 19.13 23.91 13.85
CA VAL A 27 20.21 23.00 13.52
C VAL A 27 20.53 23.08 12.03
N TYR A 28 19.60 23.60 11.25
CA TYR A 28 19.85 23.89 9.85
C TYR A 28 21.10 24.76 9.71
N ALA A 29 21.35 25.65 10.68
CA ALA A 29 22.55 26.48 10.71
C ALA A 29 23.26 26.33 12.05
N TRP A 30 24.23 27.21 12.32
CA TRP A 30 24.90 27.25 13.61
C TRP A 30 25.17 28.69 14.01
N ASN A 31 25.06 28.96 15.30
CA ASN A 31 25.46 30.25 15.82
C ASN A 31 26.95 30.50 15.55
N ARG A 32 27.77 29.47 15.81
CA ARG A 32 29.19 29.49 15.51
C ARG A 32 29.84 30.75 16.07
N LYS A 33 29.49 31.08 17.31
CA LYS A 33 29.94 32.31 17.94
C LYS A 33 31.39 32.15 18.36
N ARG A 34 32.27 32.87 17.68
CA ARG A 34 33.66 32.88 18.08
C ARG A 34 33.85 33.86 19.24
N ILE A 35 34.47 33.40 20.33
CA ILE A 35 34.75 34.25 21.47
C ILE A 35 36.26 34.49 21.52
N SER A 36 36.63 35.77 21.47
CA SER A 36 38.02 36.19 21.32
C SER A 36 38.71 36.27 22.69
N ASN A 37 39.85 36.96 22.71
CA ASN A 37 40.65 37.14 23.89
C ASN A 37 39.83 37.72 25.04
N CYS A 38 39.70 36.94 26.11
CA CYS A 38 39.08 37.34 27.37
C CYS A 38 39.32 36.24 28.40
N VAL A 39 38.75 36.41 29.59
CA VAL A 39 38.86 35.42 30.66
C VAL A 39 37.72 34.42 30.51
N ALA A 40 38.08 33.15 30.39
CA ALA A 40 37.11 32.09 30.16
C ALA A 40 36.30 31.86 31.44
N ASP A 41 35.09 32.43 31.46
CA ASP A 41 34.25 32.41 32.64
C ASP A 41 33.43 31.13 32.73
N TYR A 42 33.96 30.01 32.19
CA TYR A 42 33.24 28.74 32.18
C TYR A 42 32.68 28.37 33.55
N SER A 43 33.35 28.86 34.60
CA SER A 43 33.05 28.49 35.98
C SER A 43 31.56 28.68 36.27
N VAL A 44 30.99 29.77 35.74
CA VAL A 44 29.59 30.05 35.98
C VAL A 44 28.75 29.29 34.97
N LEU A 45 28.38 28.05 35.32
CA LEU A 45 27.60 27.21 34.42
C LEU A 45 26.44 26.50 35.11
N TYR A 46 26.44 26.44 36.44
CA TYR A 46 25.47 25.65 37.18
C TYR A 46 24.11 26.35 37.28
N ASN A 47 24.07 27.65 37.01
CA ASN A 47 22.89 28.46 37.23
C ASN A 47 22.08 28.65 35.95
N LEU A 48 22.14 27.67 35.04
CA LEU A 48 21.37 27.67 33.81
C LEU A 48 19.87 27.45 34.05
N ALA A 49 19.53 26.23 34.51
CA ALA A 49 18.18 25.75 34.61
C ALA A 49 18.19 24.44 35.40
N PRO A 50 17.09 24.07 36.09
CA PRO A 50 17.00 22.75 36.71
C PRO A 50 17.16 21.64 35.68
N PHE A 51 17.86 20.59 36.12
CA PHE A 51 18.14 19.44 35.27
C PHE A 51 18.90 19.89 34.03
N PHE A 52 20.09 20.45 34.29
CA PHE A 52 21.04 20.75 33.23
C PHE A 52 21.84 19.48 32.96
N THR A 53 21.65 18.90 31.79
CA THR A 53 22.33 17.68 31.42
C THR A 53 23.67 18.05 30.81
N PHE A 54 24.76 17.67 31.51
CA PHE A 54 26.10 18.01 31.06
C PHE A 54 26.98 16.77 31.06
N LYS A 55 27.85 16.69 30.05
CA LYS A 55 28.79 15.59 29.92
C LYS A 55 29.82 15.95 28.86
N CYS A 56 31.09 15.69 29.19
CA CYS A 56 32.21 16.17 28.39
C CYS A 56 32.86 15.02 27.63
N TYR A 57 33.78 15.38 26.74
CA TYR A 57 34.49 14.43 25.90
C TYR A 57 35.97 14.76 25.85
N GLY A 58 36.59 14.96 27.02
CA GLY A 58 38.04 15.05 27.01
C GLY A 58 38.61 16.02 28.03
N VAL A 59 37.74 16.77 28.70
CA VAL A 59 38.17 17.72 29.71
C VAL A 59 37.38 17.43 30.98
N SER A 60 38.06 17.54 32.12
CA SER A 60 37.41 17.41 33.41
C SER A 60 36.32 18.46 33.54
N PRO A 61 35.06 18.05 33.81
CA PRO A 61 33.96 19.01 33.99
C PRO A 61 34.21 20.14 34.99
N THR A 62 34.86 19.84 36.11
CA THR A 62 35.01 20.81 37.19
C THR A 62 36.38 21.46 37.19
N LYS A 63 37.43 20.69 36.90
CA LYS A 63 38.77 21.22 36.83
C LYS A 63 39.07 21.88 35.47
N LEU A 64 38.02 22.07 34.66
CA LEU A 64 38.14 22.75 33.38
C LEU A 64 38.71 24.17 33.56
N ASN A 65 38.52 24.76 34.74
CA ASN A 65 38.83 26.17 34.94
C ASN A 65 40.31 26.44 34.71
N ASP A 66 41.18 25.60 35.25
CA ASP A 66 42.60 25.89 35.23
C ASP A 66 43.20 25.62 33.85
N LEU A 67 42.63 24.66 33.11
CA LEU A 67 43.17 24.27 31.82
C LEU A 67 42.89 25.37 30.80
N CYS A 68 43.86 26.27 30.61
CA CYS A 68 43.76 27.26 29.55
C CYS A 68 44.05 26.61 28.20
N PHE A 69 43.15 26.86 27.25
CA PHE A 69 43.29 26.36 25.89
C PHE A 69 43.40 27.52 24.92
N THR A 70 43.51 27.21 23.63
CA THR A 70 43.91 28.20 22.64
C THR A 70 42.74 29.10 22.27
N ASN A 71 41.69 28.49 21.73
CA ASN A 71 40.55 29.25 21.23
C ASN A 71 39.28 28.49 21.56
N VAL A 72 38.15 29.10 21.23
CA VAL A 72 36.84 28.50 21.44
C VAL A 72 35.97 28.70 20.21
N TYR A 73 35.31 27.62 19.79
CA TYR A 73 34.30 27.66 18.75
C TYR A 73 32.97 27.25 19.38
N ALA A 74 32.09 28.23 19.59
CA ALA A 74 30.84 28.03 20.29
C ALA A 74 29.66 28.15 19.33
N ASP A 75 28.78 27.15 19.32
CA ASP A 75 27.58 27.19 18.52
C ASP A 75 26.44 26.52 19.28
N SER A 76 25.21 26.81 18.90
CA SER A 76 24.05 26.36 19.63
C SER A 76 22.97 25.89 18.66
N PHE A 77 22.08 25.03 19.17
CA PHE A 77 20.95 24.53 18.41
C PHE A 77 19.96 23.87 19.35
N VAL A 78 18.67 24.20 19.21
CA VAL A 78 17.65 23.42 19.86
C VAL A 78 17.44 22.16 19.04
N ILE A 79 17.10 21.06 19.71
CA ILE A 79 16.96 19.79 19.04
C ILE A 79 15.70 19.09 19.50
N ARG A 80 15.25 18.13 18.70
CA ARG A 80 14.15 17.27 19.09
C ARG A 80 14.50 16.55 20.38
N GLY A 81 13.51 16.41 21.26
CA GLY A 81 13.68 16.01 22.65
C GLY A 81 14.61 14.82 22.88
N ASP A 82 14.18 13.64 22.44
CA ASP A 82 14.91 12.42 22.78
C ASP A 82 16.29 12.40 22.13
N GLU A 83 16.51 13.25 21.12
CA GLU A 83 17.73 13.22 20.33
C GLU A 83 18.91 13.84 21.08
N VAL A 84 18.78 14.05 22.38
CA VAL A 84 19.89 14.67 23.10
C VAL A 84 21.11 13.76 23.01
N ARG A 85 20.91 12.47 23.25
CA ARG A 85 22.02 11.53 23.23
C ARG A 85 22.49 11.22 21.82
N GLN A 86 21.87 11.83 20.81
CA GLN A 86 22.42 11.76 19.46
C GLN A 86 23.67 12.63 19.35
N ILE A 87 23.75 13.72 20.12
CA ILE A 87 24.90 14.59 20.06
C ILE A 87 26.00 13.95 20.89
N ALA A 88 26.86 13.23 20.17
CA ALA A 88 27.99 12.52 20.75
C ALA A 88 28.89 12.04 19.62
N PRO A 89 30.22 12.22 19.73
CA PRO A 89 31.12 11.74 18.69
C PRO A 89 31.00 10.24 18.46
N GLY A 90 31.07 9.87 17.17
CA GLY A 90 31.10 8.50 16.72
C GLY A 90 29.82 7.72 17.05
N GLN A 91 28.73 8.45 17.34
CA GLN A 91 27.43 7.85 17.55
C GLN A 91 26.52 8.26 16.40
N THR A 92 26.14 7.27 15.58
CA THR A 92 25.29 7.52 14.43
C THR A 92 23.84 7.70 14.89
N GLY A 93 23.06 8.36 14.03
CA GLY A 93 21.65 8.57 14.28
C GLY A 93 20.99 9.31 13.12
N ASN A 94 20.02 10.18 13.44
CA ASN A 94 19.34 10.98 12.44
C ASN A 94 20.02 12.32 12.28
N ILE A 95 20.08 13.08 13.38
CA ILE A 95 20.70 14.38 13.33
C ILE A 95 22.21 14.22 13.24
N ALA A 96 22.74 13.23 13.98
CA ALA A 96 24.18 13.01 14.05
C ALA A 96 24.75 12.57 12.70
N ASP A 97 23.88 12.17 11.77
CA ASP A 97 24.31 11.69 10.46
C ASP A 97 24.01 12.68 9.34
N TYR A 98 23.11 13.63 9.56
CA TYR A 98 22.75 14.55 8.49
C TYR A 98 22.52 15.98 8.98
N ASN A 99 22.76 16.26 10.27
CA ASN A 99 22.59 17.62 10.77
C ASN A 99 23.90 18.21 11.26
N TYR A 100 24.50 17.55 12.25
CA TYR A 100 25.74 18.01 12.87
C TYR A 100 26.38 16.84 13.60
N LYS A 101 27.63 16.56 13.25
CA LYS A 101 28.37 15.45 13.85
C LYS A 101 29.65 15.99 14.48
N LEU A 102 29.97 15.42 15.65
CA LEU A 102 31.19 15.76 16.37
C LEU A 102 32.26 14.76 15.96
N PRO A 103 33.45 15.23 15.52
CA PRO A 103 34.57 14.32 15.29
C PRO A 103 34.95 13.57 16.57
N ASP A 104 35.46 12.36 16.39
CA ASP A 104 35.81 11.50 17.50
C ASP A 104 36.78 12.19 18.47
N ASP A 105 37.68 13.00 17.92
CA ASP A 105 38.73 13.64 18.69
C ASP A 105 38.29 14.98 19.26
N PHE A 106 36.98 15.21 19.35
CA PHE A 106 36.44 16.45 19.90
C PHE A 106 36.68 16.47 21.40
N THR A 107 37.64 17.30 21.82
CA THR A 107 38.05 17.32 23.22
C THR A 107 37.03 18.05 24.10
N GLY A 108 36.13 18.81 23.47
CA GLY A 108 35.25 19.69 24.22
C GLY A 108 34.14 18.96 24.97
N CYS A 109 33.23 19.76 25.54
CA CYS A 109 32.14 19.27 26.36
C CYS A 109 30.80 19.64 25.74
N VAL A 110 29.76 18.91 26.11
CA VAL A 110 28.43 19.08 25.56
C VAL A 110 27.52 19.55 26.69
N ILE A 111 26.78 20.61 26.42
CA ILE A 111 25.89 21.22 27.39
C ILE A 111 24.48 21.17 26.82
N ALA A 112 23.56 20.72 27.66
CA ALA A 112 22.17 20.60 27.24
C ALA A 112 21.27 20.89 28.44
N TRP A 113 20.20 21.64 28.18
CA TRP A 113 19.19 21.92 29.18
C TRP A 113 17.83 22.01 28.52
N ASN A 114 16.80 21.69 29.30
CA ASN A 114 15.45 21.77 28.80
C ASN A 114 15.06 23.21 28.53
N SER A 115 14.17 23.38 27.54
CA SER A 115 13.68 24.69 27.16
C SER A 115 12.20 24.85 27.50
N ASN A 116 11.38 23.97 26.94
CA ASN A 116 9.97 23.92 27.26
C ASN A 116 9.30 25.26 26.96
N LYS A 117 9.10 26.07 28.00
CA LYS A 117 8.25 27.25 27.95
C LYS A 117 8.75 28.23 26.90
N LEU A 118 10.06 28.50 26.90
CA LEU A 118 10.60 29.53 26.03
C LEU A 118 10.43 29.15 24.57
N ASP A 119 10.69 27.87 24.24
CA ASP A 119 10.58 27.41 22.87
C ASP A 119 9.14 27.05 22.53
N SER A 120 8.62 26.04 23.22
CA SER A 120 7.31 25.49 22.91
C SER A 120 6.22 26.47 23.34
N LYS A 121 5.24 26.68 22.45
CA LYS A 121 4.07 27.50 22.73
C LYS A 121 2.82 26.77 22.25
N VAL A 122 1.68 27.09 22.87
CA VAL A 122 0.44 26.40 22.58
C VAL A 122 0.04 26.56 21.11
N SER A 123 0.28 27.76 20.56
CA SER A 123 -0.04 28.02 19.16
C SER A 123 0.86 27.21 18.23
N GLY A 124 2.11 27.01 18.63
CA GLY A 124 3.05 26.24 17.83
C GLY A 124 3.97 27.13 16.99
N ASN A 125 5.28 26.93 17.18
CA ASN A 125 6.30 27.71 16.49
C ASN A 125 7.05 26.78 15.54
N TYR A 126 6.61 26.76 14.29
CA TYR A 126 7.21 25.90 13.28
C TYR A 126 8.40 26.56 12.60
N ASN A 127 8.98 27.59 13.23
CA ASN A 127 10.09 28.32 12.64
C ASN A 127 11.32 27.43 12.49
N TYR A 128 11.62 26.66 13.54
CA TYR A 128 12.81 25.81 13.52
C TYR A 128 12.60 24.62 12.58
N LEU A 129 13.68 24.24 11.89
CA LEU A 129 13.63 23.14 10.95
C LEU A 129 14.85 22.25 11.15
N TYR A 130 14.90 21.15 10.40
CA TYR A 130 16.05 20.25 10.40
C TYR A 130 16.14 19.47 9.09
N ARG A 131 17.34 18.97 8.81
CA ARG A 131 17.66 18.35 7.54
C ARG A 131 16.94 17.02 7.41
N LEU A 132 16.69 16.63 6.15
CA LEU A 132 15.90 15.43 5.86
C LEU A 132 16.69 14.33 5.17
N PHE A 133 17.80 14.72 4.53
CA PHE A 133 18.63 13.84 3.73
C PHE A 133 19.81 14.66 3.22
N ARG A 134 20.65 14.02 2.41
CA ARG A 134 21.69 14.70 1.67
C ARG A 134 22.23 13.76 0.59
N LYS A 135 22.90 14.33 -0.41
CA LYS A 135 23.64 13.54 -1.38
C LYS A 135 24.54 12.54 -0.67
N SER A 136 25.29 13.04 0.33
CA SER A 136 26.19 12.21 1.11
C SER A 136 26.27 12.75 2.53
N ASN A 137 26.78 11.90 3.43
CA ASN A 137 26.99 12.30 4.81
C ASN A 137 27.92 13.50 4.86
N LEU A 138 27.54 14.48 5.69
CA LEU A 138 28.33 15.69 5.85
C LEU A 138 29.67 15.35 6.50
N LYS A 139 30.72 16.03 6.06
CA LYS A 139 31.96 15.98 6.80
C LYS A 139 31.75 16.72 8.13
N PRO A 140 32.46 16.34 9.21
CA PRO A 140 32.26 16.98 10.50
C PRO A 140 32.69 18.44 10.47
N PHE A 141 31.97 19.24 11.24
CA PHE A 141 32.15 20.68 11.32
C PHE A 141 31.99 21.29 9.92
N GLU A 142 30.79 21.11 9.36
CA GLU A 142 30.48 21.66 8.04
C GLU A 142 29.05 22.16 8.06
N ARG A 143 28.81 23.26 7.32
CA ARG A 143 27.51 23.89 7.27
C ARG A 143 26.89 23.78 5.88
N ASP A 144 25.65 23.29 5.85
CA ASP A 144 24.90 23.14 4.60
C ASP A 144 23.74 24.12 4.61
N ILE A 145 23.65 24.92 3.54
CA ILE A 145 22.58 25.89 3.40
C ILE A 145 21.71 25.57 2.19
N SER A 146 22.22 24.80 1.24
CA SER A 146 21.50 24.52 0.00
C SER A 146 20.12 23.93 0.30
N THR A 147 19.10 24.49 -0.36
CA THR A 147 17.73 24.04 -0.23
C THR A 147 17.30 23.27 -1.49
N GLU A 148 18.22 22.46 -2.01
CA GLU A 148 18.03 21.75 -3.27
C GLU A 148 17.18 20.52 -3.05
N ILE A 149 16.21 20.33 -3.96
CA ILE A 149 15.32 19.18 -3.91
C ILE A 149 16.10 17.92 -4.28
N TYR A 150 15.92 16.87 -3.49
CA TYR A 150 16.78 15.71 -3.59
C TYR A 150 16.48 14.92 -4.86
N GLN A 151 17.46 14.14 -5.30
CA GLN A 151 17.31 13.29 -6.47
C GLN A 151 17.42 11.83 -6.02
N ALA A 152 16.27 11.26 -5.64
CA ALA A 152 16.21 9.87 -5.23
C ALA A 152 16.03 8.93 -6.41
N GLY A 153 15.77 9.47 -7.60
CA GLY A 153 15.66 8.67 -8.81
C GLY A 153 16.80 8.95 -9.78
N ASN A 154 16.69 8.33 -10.96
CA ASN A 154 17.69 8.50 -12.00
C ASN A 154 17.46 9.79 -12.80
N LYS A 155 16.56 10.66 -12.33
CA LYS A 155 16.17 11.83 -13.10
C LYS A 155 16.15 13.06 -12.20
N PRO A 156 16.84 14.15 -12.62
CA PRO A 156 16.84 15.38 -11.84
C PRO A 156 15.55 16.17 -12.07
N CYS A 157 14.80 16.36 -10.98
CA CYS A 157 13.52 17.04 -11.03
C CYS A 157 13.66 18.55 -11.22
N ASN A 158 14.91 19.05 -11.11
CA ASN A 158 15.22 20.44 -11.41
C ASN A 158 14.56 21.35 -10.38
N GLY A 159 13.24 21.55 -10.52
CA GLY A 159 12.55 22.50 -9.67
C GLY A 159 11.12 22.08 -9.34
N VAL A 160 10.74 20.85 -9.71
CA VAL A 160 9.44 20.30 -9.39
C VAL A 160 9.57 19.42 -8.16
N ALA A 161 8.66 19.64 -7.19
CA ALA A 161 8.63 18.84 -5.97
C ALA A 161 7.78 17.62 -6.22
N GLY A 162 8.45 16.47 -6.45
CA GLY A 162 7.81 15.29 -6.98
C GLY A 162 8.20 14.01 -6.25
N PHE A 163 7.66 12.90 -6.77
CA PHE A 163 7.99 11.59 -6.25
C PHE A 163 9.49 11.36 -6.36
N ASN A 164 10.09 10.88 -5.27
CA ASN A 164 11.51 10.65 -5.16
C ASN A 164 12.30 11.93 -5.41
N CYS A 165 11.65 13.07 -5.26
CA CYS A 165 12.30 14.37 -5.41
C CYS A 165 11.82 15.24 -4.27
N TYR A 166 12.57 15.20 -3.17
CA TYR A 166 12.11 15.71 -1.90
C TYR A 166 12.86 16.96 -1.49
N PHE A 167 12.21 17.74 -0.62
CA PHE A 167 12.63 18.98 0.00
C PHE A 167 13.34 18.66 1.30
N PRO A 168 14.42 19.37 1.65
CA PRO A 168 15.29 18.92 2.71
C PRO A 168 15.03 19.40 4.13
N LEU A 169 13.90 20.06 4.38
CA LEU A 169 13.65 20.57 5.71
C LEU A 169 12.23 20.22 6.16
N ARG A 170 12.10 19.66 7.37
CA ARG A 170 10.83 19.64 8.08
C ARG A 170 10.98 20.38 9.40
N SER A 171 9.86 20.92 9.90
CA SER A 171 9.84 21.76 11.08
C SER A 171 9.92 20.94 12.36
N TYR A 172 10.36 21.60 13.43
CA TYR A 172 10.25 21.06 14.77
C TYR A 172 8.80 21.14 15.22
N SER A 173 8.12 19.98 15.20
CA SER A 173 6.75 19.90 15.68
C SER A 173 6.79 20.08 17.20
N PHE A 174 6.52 21.31 17.66
CA PHE A 174 6.65 21.66 19.06
C PHE A 174 5.33 22.15 19.61
N ARG A 175 4.62 21.25 20.33
CA ARG A 175 3.45 21.61 21.11
C ARG A 175 3.75 21.31 22.58
N PRO A 176 3.41 22.23 23.51
CA PRO A 176 3.77 22.03 24.92
C PRO A 176 3.17 20.76 25.54
N THR A 177 2.10 20.25 24.93
CA THR A 177 1.44 19.05 25.42
C THR A 177 2.22 17.79 25.08
N TYR A 178 3.38 17.91 24.44
CA TYR A 178 4.16 16.75 24.06
C TYR A 178 4.93 16.19 25.25
N GLY A 179 5.42 14.96 25.09
CA GLY A 179 6.07 14.24 26.18
C GLY A 179 7.47 14.75 26.46
N VAL A 180 8.04 14.26 27.57
CA VAL A 180 9.38 14.61 28.00
C VAL A 180 10.41 14.18 26.95
N GLY A 181 10.18 13.02 26.33
CA GLY A 181 11.00 12.56 25.22
C GLY A 181 10.91 13.46 24.00
N HIS A 182 9.82 14.23 23.89
CA HIS A 182 9.61 15.13 22.77
C HIS A 182 9.83 16.59 23.15
N GLN A 183 9.98 16.88 24.46
CA GLN A 183 10.14 18.25 24.92
C GLN A 183 11.45 18.83 24.39
N PRO A 184 11.44 20.00 23.72
CA PRO A 184 12.68 20.59 23.23
C PRO A 184 13.62 20.99 24.36
N TYR A 185 14.81 20.40 24.35
CA TYR A 185 15.90 20.85 25.21
C TYR A 185 16.76 21.84 24.41
N ARG A 186 17.77 22.43 25.04
CA ARG A 186 18.67 23.34 24.35
C ARG A 186 20.10 22.81 24.50
N VAL A 187 20.63 22.28 23.40
CA VAL A 187 21.93 21.63 23.39
C VAL A 187 22.93 22.54 22.71
N VAL A 188 23.95 22.94 23.46
CA VAL A 188 25.04 23.74 22.93
C VAL A 188 26.33 22.94 23.14
N VAL A 189 27.42 23.40 22.51
CA VAL A 189 28.71 22.74 22.62
C VAL A 189 29.78 23.79 22.45
N LEU A 190 30.89 23.58 23.15
CA LEU A 190 31.98 24.54 23.16
C LEU A 190 33.27 23.84 22.74
N SER A 191 33.84 24.26 21.62
CA SER A 191 35.06 23.67 21.11
C SER A 191 36.28 24.20 21.87
N PHE A 192 37.19 23.29 22.23
CA PHE A 192 38.37 23.64 23.00
C PHE A 192 39.63 23.26 22.23
N GLU A 193 39.68 23.64 20.95
CA GLU A 193 40.71 23.18 20.04
C GLU A 193 42.07 23.78 20.36
N LEU A 194 43.12 23.06 19.99
CA LEU A 194 44.50 23.50 20.13
C LEU A 194 45.00 24.04 18.78
N LEU A 195 45.78 25.12 18.85
CA LEU A 195 46.37 25.72 17.65
C LEU A 195 47.74 26.30 18.00
N HIS A 196 48.32 27.02 17.03
CA HIS A 196 49.52 27.80 17.25
C HIS A 196 49.13 29.25 17.55
N ALA A 197 48.91 29.51 18.83
CA ALA A 197 48.42 30.78 19.32
C ALA A 197 48.83 30.93 20.78
N PRO A 198 48.92 32.17 21.32
CA PRO A 198 49.23 32.35 22.74
C PRO A 198 48.11 31.98 23.72
N ALA A 199 47.08 31.26 23.25
CA ALA A 199 45.99 30.76 24.09
C ALA A 199 45.30 31.92 24.80
N THR A 200 44.64 32.75 24.00
CA THR A 200 44.04 33.99 24.45
C THR A 200 42.74 33.79 25.23
N VAL A 201 42.41 32.54 25.59
CA VAL A 201 41.22 32.26 26.37
C VAL A 201 41.57 31.33 27.52
N CYS A 202 41.59 31.87 28.73
CA CYS A 202 41.88 31.11 29.93
C CYS A 202 40.84 31.46 31.00
N GLY A 203 40.63 30.52 31.91
CA GLY A 203 39.76 30.75 33.05
C GLY A 203 40.37 31.76 34.01
N PRO A 204 39.55 32.49 34.78
CA PRO A 204 40.09 33.47 35.72
C PRO A 204 40.62 32.76 36.96
N LYS A 205 41.32 33.53 37.79
CA LYS A 205 41.80 32.98 39.04
C LYS A 205 41.38 33.87 40.20
N LYS A 206 41.19 33.25 41.36
CA LYS A 206 40.73 33.95 42.54
C LYS A 206 41.90 34.73 43.12
N SER A 207 41.68 35.32 44.30
CA SER A 207 42.68 36.18 44.90
C SER A 207 42.57 36.10 46.42
N THR A 208 43.64 36.54 47.09
CA THR A 208 43.69 36.60 48.54
C THR A 208 43.47 38.03 49.00
N ASN A 209 43.56 38.23 50.33
CA ASN A 209 43.38 39.54 50.91
C ASN A 209 44.73 40.13 51.33
N LEU A 210 44.71 41.42 51.70
CA LEU A 210 45.92 42.10 52.14
C LEU A 210 45.94 42.25 53.67
N GLN B 1 12.64 -10.31 -4.70
CA GLN B 1 12.84 -9.18 -3.73
C GLN B 1 12.37 -9.61 -2.35
N VAL B 2 12.24 -8.62 -1.45
CA VAL B 2 11.74 -8.84 -0.10
C VAL B 2 10.24 -8.56 -0.09
N GLN B 3 9.52 -9.23 0.82
CA GLN B 3 8.09 -9.10 0.93
C GLN B 3 7.75 -8.32 2.19
N LEU B 4 6.89 -7.30 2.02
CA LEU B 4 6.44 -6.49 3.15
C LEU B 4 5.25 -7.19 3.80
N VAL B 5 5.37 -7.40 5.12
CA VAL B 5 4.28 -8.02 5.87
C VAL B 5 3.10 -7.05 5.95
N GLN B 6 1.90 -7.61 5.92
CA GLN B 6 0.68 -6.83 5.90
C GLN B 6 -0.32 -7.42 6.89
N SER B 7 -1.12 -6.55 7.49
CA SER B 7 -2.06 -6.96 8.52
C SER B 7 -3.15 -7.85 7.95
N GLY B 8 -3.67 -8.73 8.81
CA GLY B 8 -4.73 -9.66 8.47
C GLY B 8 -6.03 -8.96 8.11
N PRO B 9 -6.88 -9.60 7.27
CA PRO B 9 -8.20 -9.07 6.97
C PRO B 9 -9.18 -9.22 8.12
N GLU B 10 -10.15 -8.29 8.15
CA GLU B 10 -11.27 -8.36 9.06
C GLU B 10 -12.54 -7.88 8.34
N VAL B 11 -13.66 -8.01 9.04
CA VAL B 11 -14.95 -7.51 8.58
C VAL B 11 -15.49 -6.57 9.65
N LYS B 12 -16.06 -5.45 9.20
CA LYS B 12 -16.54 -4.42 10.10
C LYS B 12 -17.93 -3.95 9.69
N LYS B 13 -18.54 -3.19 10.60
CA LYS B 13 -19.84 -2.57 10.38
C LYS B 13 -19.66 -1.35 9.49
N PRO B 14 -20.73 -0.92 8.79
CA PRO B 14 -20.70 0.35 8.07
C PRO B 14 -20.52 1.53 9.03
N GLY B 15 -19.81 2.56 8.54
CA GLY B 15 -19.58 3.78 9.28
C GLY B 15 -18.39 3.71 10.24
N THR B 16 -17.70 2.58 10.27
CA THR B 16 -16.53 2.41 11.14
C THR B 16 -15.31 3.05 10.50
N SER B 17 -14.18 3.01 11.21
CA SER B 17 -12.91 3.47 10.70
C SER B 17 -11.89 2.36 10.88
N VAL B 18 -11.20 2.01 9.79
CA VAL B 18 -10.31 0.85 9.77
C VAL B 18 -8.86 1.33 9.71
N LYS B 19 -8.03 0.73 10.58
CA LYS B 19 -6.59 0.94 10.55
C LYS B 19 -5.93 -0.35 10.07
N VAL B 20 -5.22 -0.26 8.95
CA VAL B 20 -4.58 -1.42 8.35
C VAL B 20 -3.08 -1.22 8.42
N SER B 21 -2.39 -2.21 8.98
CA SER B 21 -0.97 -2.11 9.27
C SER B 21 -0.15 -2.70 8.13
N CYS B 22 0.77 -1.89 7.59
CA CYS B 22 1.74 -2.35 6.61
C CYS B 22 3.13 -1.93 7.09
N LYS B 23 4.01 -2.92 7.26
CA LYS B 23 5.36 -2.66 7.75
C LYS B 23 6.35 -3.50 6.95
N ALA B 24 7.43 -2.84 6.51
CA ALA B 24 8.50 -3.56 5.83
C ALA B 24 9.25 -4.41 6.85
N PRO B 25 9.71 -5.62 6.47
CA PRO B 25 10.41 -6.49 7.40
C PRO B 25 11.74 -5.91 7.90
N VAL B 26 12.63 -5.55 6.97
CA VAL B 26 13.95 -5.05 7.31
C VAL B 26 14.23 -3.76 6.57
N PHE B 27 13.16 -3.07 6.14
CA PHE B 27 13.30 -1.84 5.39
C PHE B 27 12.64 -0.68 6.13
N THR B 28 13.46 0.04 6.92
CA THR B 28 13.03 1.28 7.54
C THR B 28 12.85 2.34 6.45
N PHE B 29 11.72 3.06 6.53
CA PHE B 29 11.44 4.12 5.59
C PHE B 29 12.09 5.42 6.06
N SER B 30 13.43 5.44 6.02
CA SER B 30 14.20 6.60 6.44
C SER B 30 13.83 7.83 5.60
N ILE B 31 13.93 7.68 4.29
CA ILE B 31 13.56 8.73 3.35
C ILE B 31 12.65 8.14 2.29
N SER B 32 12.20 6.92 2.54
CA SER B 32 11.36 6.20 1.60
C SER B 32 9.96 6.80 1.55
N ALA B 33 9.13 6.26 0.65
CA ALA B 33 7.76 6.71 0.48
C ALA B 33 6.88 5.52 0.15
N VAL B 34 5.58 5.70 0.43
CA VAL B 34 4.60 4.68 0.17
C VAL B 34 3.23 5.34 0.28
N GLN B 35 2.21 4.68 -0.30
CA GLN B 35 0.86 4.57 0.25
C GLN B 35 -0.02 3.58 -0.52
N TRP B 36 -1.27 3.46 -0.05
CA TRP B 36 -2.16 2.36 -0.34
C TRP B 36 -2.92 2.59 -1.62
N VAL B 37 -3.37 1.48 -2.21
CA VAL B 37 -4.21 1.47 -3.39
C VAL B 37 -5.22 0.34 -3.23
N ARG B 38 -6.43 0.54 -3.77
CA ARG B 38 -7.54 -0.36 -3.54
C ARG B 38 -8.12 -0.89 -4.85
N GLN B 39 -8.46 -2.20 -4.82
CA GLN B 39 -9.21 -2.86 -5.89
C GLN B 39 -10.35 -3.70 -5.28
N ALA B 40 -11.49 -3.69 -5.99
CA ALA B 40 -12.48 -4.73 -5.87
C ALA B 40 -12.22 -5.77 -6.95
N ARG B 41 -12.93 -6.91 -6.88
CA ARG B 41 -12.68 -8.01 -7.78
C ARG B 41 -12.90 -7.61 -9.24
N GLY B 42 -11.79 -7.55 -9.99
CA GLY B 42 -11.80 -7.29 -11.41
C GLY B 42 -11.82 -5.80 -11.78
N GLN B 43 -11.78 -4.91 -10.77
CA GLN B 43 -11.80 -3.48 -11.05
C GLN B 43 -10.39 -2.89 -11.00
N ARG B 44 -10.35 -1.58 -11.24
CA ARG B 44 -9.13 -0.79 -11.27
C ARG B 44 -8.48 -0.78 -9.89
N LEU B 45 -7.16 -0.63 -9.89
CA LEU B 45 -6.44 -0.24 -8.69
C LEU B 45 -6.81 1.22 -8.40
N GLU B 46 -7.82 1.42 -7.57
CA GLU B 46 -8.20 2.78 -7.21
C GLU B 46 -7.15 3.36 -6.26
N TRP B 47 -6.44 4.39 -6.73
CA TRP B 47 -5.39 5.03 -5.97
C TRP B 47 -5.96 5.70 -4.73
N ILE B 48 -5.13 5.81 -3.70
CA ILE B 48 -5.56 6.43 -2.45
C ILE B 48 -4.73 7.67 -2.16
N GLY B 49 -3.41 7.50 -2.16
CA GLY B 49 -2.52 8.60 -1.86
C GLY B 49 -1.06 8.19 -1.93
N TRP B 50 -0.19 9.13 -1.53
CA TRP B 50 1.21 8.87 -1.34
C TRP B 50 1.76 9.80 -0.28
N ILE B 51 2.64 9.28 0.56
CA ILE B 51 3.31 10.06 1.58
C ILE B 51 4.80 9.88 1.45
N VAL B 52 5.54 10.97 1.65
CA VAL B 52 6.97 10.87 1.87
C VAL B 52 7.11 10.50 3.34
N VAL B 53 7.41 9.23 3.57
CA VAL B 53 7.30 8.68 4.91
C VAL B 53 8.22 9.45 5.86
N GLY B 54 9.46 9.68 5.42
CA GLY B 54 10.40 10.44 6.22
C GLY B 54 9.86 11.80 6.63
N SER B 55 8.97 12.36 5.79
CA SER B 55 8.49 13.73 5.96
C SER B 55 7.16 13.72 6.69
N GLY B 56 6.18 13.05 6.10
CA GLY B 56 4.83 13.11 6.62
C GLY B 56 3.89 13.94 5.75
N ASN B 57 4.44 14.58 4.72
CA ASN B 57 3.63 15.35 3.79
C ASN B 57 2.70 14.41 3.03
N THR B 58 1.42 14.77 2.98
CA THR B 58 0.38 13.87 2.49
C THR B 58 -0.30 14.43 1.25
N ASN B 59 -1.01 13.54 0.54
CA ASN B 59 -1.87 13.89 -0.57
C ASN B 59 -3.00 12.88 -0.60
N TYR B 60 -4.25 13.36 -0.66
CA TYR B 60 -5.40 12.52 -0.37
C TYR B 60 -6.39 12.40 -1.51
N ALA B 61 -5.93 12.59 -2.75
CA ALA B 61 -6.66 12.20 -3.95
C ALA B 61 -8.00 12.91 -4.12
N GLN B 62 -8.32 13.86 -3.23
CA GLN B 62 -9.54 14.67 -3.28
C GLN B 62 -10.82 13.86 -3.52
N ASN B 63 -10.79 12.55 -3.22
CA ASN B 63 -11.97 11.70 -3.36
C ASN B 63 -12.43 11.20 -2.00
N PHE B 64 -11.51 10.59 -1.26
CA PHE B 64 -11.73 10.20 0.12
C PHE B 64 -10.86 11.02 1.06
N GLN B 65 -10.54 12.25 0.64
CA GLN B 65 -9.61 13.10 1.38
C GLN B 65 -10.12 13.39 2.79
N GLU B 66 -11.45 13.48 2.93
CA GLU B 66 -12.03 13.83 4.22
C GLU B 66 -12.13 12.60 5.14
N ARG B 67 -11.82 11.41 4.62
CA ARG B 67 -12.01 10.19 5.39
C ARG B 67 -10.79 9.28 5.40
N VAL B 68 -9.69 9.71 4.78
CA VAL B 68 -8.47 8.92 4.73
C VAL B 68 -7.36 9.70 5.42
N THR B 69 -6.67 9.01 6.35
CA THR B 69 -5.56 9.61 7.07
C THR B 69 -4.41 8.61 7.14
N ILE B 70 -3.18 9.14 7.13
CA ILE B 70 -1.96 8.34 7.18
C ILE B 70 -0.98 8.95 8.16
N THR B 71 -0.34 8.07 8.94
CA THR B 71 0.77 8.43 9.81
C THR B 71 1.73 7.25 9.80
N THR B 72 3.00 7.51 10.12
CA THR B 72 4.02 6.48 10.14
C THR B 72 4.42 6.16 11.59
N ASP B 73 5.21 5.09 11.73
CA ASP B 73 5.64 4.59 13.02
C ASP B 73 7.13 4.22 12.96
N MET B 74 7.96 5.22 12.62
CA MET B 74 9.40 5.07 12.43
C MET B 74 10.04 4.11 13.43
N SER B 75 9.63 4.20 14.69
CA SER B 75 10.23 3.40 15.76
C SER B 75 10.27 1.92 15.37
N THR B 76 9.13 1.41 14.87
CA THR B 76 9.07 0.08 14.32
C THR B 76 8.98 0.08 12.79
N GLY B 77 9.01 1.28 12.18
CA GLY B 77 9.01 1.39 10.72
C GLY B 77 7.74 0.87 10.08
N THR B 78 6.58 1.28 10.62
CA THR B 78 5.28 0.90 10.08
C THR B 78 4.55 2.14 9.58
N VAL B 79 3.88 2.00 8.44
CA VAL B 79 3.01 3.03 7.91
C VAL B 79 1.57 2.61 8.15
N TYR B 80 0.70 3.60 8.30
CA TYR B 80 -0.69 3.37 8.65
C TYR B 80 -1.61 4.07 7.67
N MET B 81 -2.87 3.63 7.70
CA MET B 81 -3.89 4.20 6.84
C MET B 81 -5.24 3.99 7.51
N GLU B 82 -5.89 5.10 7.88
CA GLU B 82 -7.22 5.05 8.45
C GLU B 82 -8.22 5.52 7.42
N LEU B 83 -9.29 4.74 7.24
CA LEU B 83 -10.39 5.08 6.33
C LEU B 83 -11.67 5.18 7.15
N SER B 84 -12.08 6.41 7.45
CA SER B 84 -13.30 6.65 8.21
C SER B 84 -14.50 6.68 7.28
N GLY B 85 -15.70 6.67 7.88
CA GLY B 85 -16.96 6.70 7.15
C GLY B 85 -17.11 5.52 6.20
N LEU B 86 -16.65 4.34 6.66
CA LEU B 86 -16.74 3.13 5.86
C LEU B 86 -18.19 2.85 5.49
N ARG B 87 -18.49 2.92 4.19
CA ARG B 87 -19.80 2.56 3.67
C ARG B 87 -19.68 1.27 2.86
N SER B 88 -20.80 0.85 2.27
CA SER B 88 -20.98 -0.50 1.74
C SER B 88 -19.89 -0.88 0.73
N GLU B 89 -19.78 -0.10 -0.35
CA GLU B 89 -18.99 -0.52 -1.51
C GLU B 89 -17.48 -0.41 -1.29
N ASP B 90 -17.06 0.02 -0.10
CA ASP B 90 -15.63 0.07 0.22
C ASP B 90 -15.05 -1.33 0.44
N THR B 91 -15.90 -2.36 0.48
CA THR B 91 -15.42 -3.73 0.57
C THR B 91 -14.57 -4.06 -0.66
N ALA B 92 -13.25 -4.18 -0.44
CA ALA B 92 -12.31 -4.31 -1.54
C ALA B 92 -10.93 -4.65 -0.99
N MET B 93 -10.07 -5.15 -1.89
CA MET B 93 -8.69 -5.47 -1.58
C MET B 93 -7.91 -4.19 -1.29
N TYR B 94 -7.02 -4.27 -0.29
CA TYR B 94 -6.10 -3.18 0.01
C TYR B 94 -4.66 -3.62 -0.25
N TYR B 95 -3.91 -2.76 -0.94
CA TYR B 95 -2.50 -2.98 -1.25
C TYR B 95 -1.70 -1.78 -0.76
N CYS B 96 -0.61 -2.07 -0.06
CA CYS B 96 0.37 -1.04 0.28
C CYS B 96 1.59 -1.26 -0.62
N ALA B 97 1.91 -0.24 -1.43
CA ALA B 97 2.90 -0.35 -2.49
C ALA B 97 3.96 0.73 -2.29
N ALA B 98 5.22 0.28 -2.20
CA ALA B 98 6.34 1.18 -1.97
C ALA B 98 7.43 0.89 -2.98
N PRO B 99 8.24 1.90 -3.36
CA PRO B 99 9.44 1.63 -4.12
C PRO B 99 10.62 1.31 -3.22
N TYR B 100 11.54 0.56 -3.81
CA TYR B 100 12.79 0.27 -3.12
C TYR B 100 13.55 1.57 -2.92
N CYS B 101 13.98 1.82 -1.68
CA CYS B 101 14.81 2.97 -1.38
C CYS B 101 16.11 2.56 -0.70
N ASN B 102 17.08 2.25 -1.55
CA ASN B 102 18.44 2.63 -1.24
C ASN B 102 18.44 4.04 -0.66
N ARG B 103 19.21 4.21 0.42
CA ARG B 103 19.26 5.48 1.12
C ARG B 103 19.74 6.64 0.24
N THR B 104 20.36 6.34 -0.90
CA THR B 104 20.85 7.41 -1.76
C THR B 104 19.94 7.60 -2.97
N THR B 105 19.31 6.51 -3.43
CA THR B 105 18.40 6.58 -4.58
C THR B 105 17.26 5.60 -4.39
N CYS B 106 16.09 5.96 -4.91
CA CYS B 106 14.96 5.05 -4.98
C CYS B 106 14.63 4.78 -6.44
N TYR B 107 14.31 3.52 -6.75
CA TYR B 107 13.90 3.13 -8.08
C TYR B 107 12.54 3.76 -8.38
N ASP B 108 12.55 4.80 -9.21
CA ASP B 108 11.36 5.56 -9.56
C ASP B 108 10.21 4.62 -9.90
N GLY B 109 9.16 4.66 -9.07
CA GLY B 109 8.03 3.77 -9.22
C GLY B 109 7.99 2.74 -8.11
N PHE B 110 6.85 2.67 -7.43
CA PHE B 110 6.67 1.75 -6.32
C PHE B 110 6.69 0.31 -6.83
N ASP B 111 7.63 -0.48 -6.29
CA ASP B 111 7.81 -1.86 -6.72
C ASP B 111 7.63 -2.86 -5.57
N LEU B 112 8.14 -2.54 -4.38
CA LEU B 112 7.98 -3.43 -3.24
C LEU B 112 6.58 -3.25 -2.69
N TRP B 113 5.74 -4.26 -2.86
CA TRP B 113 4.32 -4.15 -2.51
C TRP B 113 3.96 -5.13 -1.41
N GLY B 114 2.87 -4.79 -0.71
CA GLY B 114 2.37 -5.58 0.40
C GLY B 114 1.66 -6.85 -0.05
N GLN B 115 1.28 -7.64 0.96
CA GLN B 115 0.63 -8.92 0.75
C GLN B 115 -0.75 -8.73 0.13
N GLY B 116 -1.56 -7.87 0.75
CA GLY B 116 -2.95 -7.71 0.34
C GLY B 116 -3.91 -8.01 1.48
N THR B 117 -4.75 -7.03 1.82
CA THR B 117 -5.67 -7.14 2.95
C THR B 117 -7.09 -7.05 2.44
N MET B 118 -7.94 -8.00 2.88
CA MET B 118 -9.35 -7.98 2.56
C MET B 118 -10.10 -7.16 3.62
N VAL B 119 -11.01 -6.31 3.15
CA VAL B 119 -11.87 -5.53 4.03
C VAL B 119 -13.30 -5.70 3.54
N THR B 120 -14.20 -6.04 4.47
CA THR B 120 -15.59 -6.26 4.16
C THR B 120 -16.45 -5.33 5.02
N VAL B 121 -17.25 -4.48 4.37
CA VAL B 121 -18.16 -3.61 5.09
C VAL B 121 -19.48 -4.34 5.33
N SER B 122 -19.94 -5.12 4.34
CA SER B 122 -21.22 -5.81 4.38
C SER B 122 -21.35 -6.69 5.62
N SER B 123 -22.59 -6.96 6.04
CA SER B 123 -22.89 -7.85 7.13
C SER B 123 -23.01 -9.27 6.59
N ALA B 124 -23.06 -10.32 7.43
CA ALA B 124 -23.11 -10.33 8.89
C ALA B 124 -22.16 -11.38 9.45
N SER B 125 -22.25 -11.65 10.76
CA SER B 125 -21.40 -12.66 11.36
C SER B 125 -21.34 -13.86 10.44
N THR B 126 -20.10 -14.30 10.16
CA THR B 126 -19.81 -15.34 9.19
C THR B 126 -21.03 -16.21 8.92
N LYS B 127 -21.45 -16.28 7.65
CA LYS B 127 -22.53 -17.20 7.30
C LYS B 127 -21.91 -18.56 6.98
N GLY B 128 -21.81 -19.44 7.97
CA GLY B 128 -21.40 -20.81 7.71
C GLY B 128 -22.24 -21.41 6.59
N PRO B 129 -21.65 -21.74 5.41
CA PRO B 129 -22.44 -21.99 4.22
C PRO B 129 -23.41 -23.17 4.32
N SER B 130 -24.52 -23.04 3.60
CA SER B 130 -25.49 -24.10 3.41
C SER B 130 -25.44 -24.55 1.95
N VAL B 131 -25.30 -25.86 1.74
CA VAL B 131 -25.13 -26.44 0.41
C VAL B 131 -26.32 -27.32 0.09
N PHE B 132 -26.71 -27.31 -1.18
CA PHE B 132 -27.76 -28.16 -1.69
C PHE B 132 -27.34 -28.75 -3.04
N PRO B 133 -27.85 -29.94 -3.44
CA PRO B 133 -27.48 -30.51 -4.72
C PRO B 133 -28.24 -29.90 -5.89
N LEU B 134 -27.77 -30.24 -7.10
CA LEU B 134 -28.48 -29.98 -8.34
C LEU B 134 -28.24 -31.16 -9.26
N ALA B 135 -29.14 -32.14 -9.19
CA ALA B 135 -28.99 -33.38 -9.93
C ALA B 135 -29.22 -33.13 -11.41
N PRO B 136 -28.48 -33.80 -12.32
CA PRO B 136 -28.70 -33.61 -13.75
C PRO B 136 -30.05 -34.22 -14.16
N SER B 137 -30.64 -33.59 -15.18
CA SER B 137 -31.87 -34.10 -15.78
C SER B 137 -31.61 -35.51 -16.33
N SER B 138 -32.50 -36.44 -15.98
CA SER B 138 -32.38 -37.83 -16.40
C SER B 138 -32.41 -37.96 -17.92
N LYS B 139 -33.32 -37.22 -18.57
CA LYS B 139 -33.45 -37.31 -20.01
C LYS B 139 -32.39 -36.50 -20.75
N SER B 140 -31.60 -35.70 -20.03
CA SER B 140 -30.53 -34.89 -20.63
C SER B 140 -29.20 -35.63 -20.67
N THR B 141 -29.16 -36.88 -20.19
CA THR B 141 -27.93 -37.67 -20.17
C THR B 141 -27.75 -38.47 -21.47
N SER B 142 -28.52 -38.13 -22.51
CA SER B 142 -28.44 -38.79 -23.80
C SER B 142 -27.11 -38.50 -24.52
N GLY B 143 -26.44 -37.41 -24.13
CA GLY B 143 -25.19 -36.98 -24.76
C GLY B 143 -23.96 -37.71 -24.24
N GLY B 144 -24.15 -38.62 -23.26
CA GLY B 144 -23.06 -39.39 -22.69
C GLY B 144 -22.48 -38.76 -21.42
N THR B 145 -22.88 -37.52 -21.12
CA THR B 145 -22.40 -36.82 -19.94
C THR B 145 -23.58 -36.19 -19.20
N ALA B 146 -23.40 -36.03 -17.88
CA ALA B 146 -24.38 -35.40 -17.01
C ALA B 146 -23.71 -34.30 -16.19
N ALA B 147 -24.49 -33.25 -15.88
CA ALA B 147 -24.02 -32.11 -15.13
C ALA B 147 -24.60 -32.18 -13.71
N LEU B 148 -23.75 -32.60 -12.77
CA LEU B 148 -24.17 -32.75 -11.38
C LEU B 148 -23.78 -31.49 -10.62
N GLY B 149 -24.79 -30.70 -10.26
CA GLY B 149 -24.57 -29.37 -9.69
C GLY B 149 -24.29 -29.41 -8.20
N CYS B 150 -23.63 -28.35 -7.71
CA CYS B 150 -23.28 -28.20 -6.30
C CYS B 150 -23.35 -26.71 -5.96
N LEU B 151 -24.45 -26.32 -5.29
CA LEU B 151 -24.68 -24.92 -4.97
C LEU B 151 -24.25 -24.62 -3.54
N VAL B 152 -23.48 -23.55 -3.38
CA VAL B 152 -23.12 -23.02 -2.08
C VAL B 152 -23.60 -21.58 -2.05
N LYS B 153 -24.40 -21.24 -1.02
CA LYS B 153 -25.12 -19.97 -1.02
C LYS B 153 -24.89 -19.21 0.28
N ASP B 154 -24.85 -17.87 0.16
CA ASP B 154 -25.05 -16.90 1.23
C ASP B 154 -23.88 -16.82 2.21
N TYR B 155 -22.77 -17.53 1.94
CA TYR B 155 -21.71 -17.66 2.93
C TYR B 155 -20.94 -16.36 3.13
N PHE B 156 -20.43 -16.20 4.36
CA PHE B 156 -19.41 -15.23 4.69
C PHE B 156 -18.38 -15.93 5.56
N PRO B 157 -17.11 -15.51 5.57
CA PRO B 157 -16.53 -14.53 4.63
C PRO B 157 -16.10 -15.10 3.27
N GLU B 158 -15.01 -14.52 2.71
CA GLU B 158 -14.48 -14.72 1.37
C GLU B 158 -14.35 -16.20 1.02
N PRO B 159 -14.18 -16.57 -0.28
CA PRO B 159 -14.75 -17.82 -0.80
C PRO B 159 -14.29 -19.07 -0.07
N VAL B 160 -15.22 -20.03 0.05
CA VAL B 160 -15.04 -21.31 0.71
C VAL B 160 -14.40 -22.30 -0.28
N THR B 161 -13.59 -23.21 0.27
CA THR B 161 -13.01 -24.28 -0.53
C THR B 161 -14.06 -25.36 -0.78
N VAL B 162 -14.22 -25.72 -2.06
CA VAL B 162 -15.16 -26.75 -2.48
C VAL B 162 -14.39 -27.83 -3.23
N SER B 163 -14.60 -29.08 -2.84
CA SER B 163 -13.92 -30.20 -3.45
C SER B 163 -14.92 -31.31 -3.76
N TRP B 164 -14.56 -32.12 -4.76
CA TRP B 164 -15.37 -33.25 -5.20
C TRP B 164 -14.68 -34.55 -4.78
N ASN B 165 -15.41 -35.38 -4.03
CA ASN B 165 -14.93 -36.69 -3.60
C ASN B 165 -13.61 -36.56 -2.83
N SER B 166 -13.62 -35.70 -1.81
CA SER B 166 -12.49 -35.48 -0.89
C SER B 166 -11.22 -35.06 -1.65
N GLY B 167 -11.40 -34.34 -2.76
CA GLY B 167 -10.27 -33.83 -3.51
C GLY B 167 -9.68 -34.82 -4.51
N ALA B 168 -10.14 -36.07 -4.50
CA ALA B 168 -9.66 -37.07 -5.45
C ALA B 168 -10.21 -36.79 -6.86
N LEU B 169 -11.48 -36.35 -6.94
CA LEU B 169 -12.11 -36.06 -8.22
C LEU B 169 -11.80 -34.61 -8.60
N THR B 170 -11.12 -34.45 -9.75
CA THR B 170 -10.78 -33.13 -10.27
C THR B 170 -11.14 -33.00 -11.75
N SER B 171 -11.48 -34.11 -12.41
CA SER B 171 -11.81 -34.10 -13.83
C SER B 171 -13.16 -33.44 -14.06
N GLY B 172 -13.21 -32.52 -15.05
CA GLY B 172 -14.40 -31.78 -15.41
C GLY B 172 -14.97 -30.97 -14.24
N VAL B 173 -14.09 -30.38 -13.44
CA VAL B 173 -14.47 -29.62 -12.26
C VAL B 173 -14.02 -28.18 -12.45
N HIS B 174 -14.96 -27.25 -12.31
CA HIS B 174 -14.67 -25.83 -12.32
C HIS B 174 -15.43 -25.14 -11.21
N THR B 175 -14.72 -24.28 -10.47
CA THR B 175 -15.29 -23.50 -9.38
C THR B 175 -15.61 -22.10 -9.91
N PHE B 176 -16.67 -21.52 -9.37
CA PHE B 176 -17.30 -20.34 -9.93
C PHE B 176 -17.02 -19.15 -9.02
N PRO B 177 -16.62 -17.97 -9.56
CA PRO B 177 -16.17 -16.86 -8.73
C PRO B 177 -17.26 -16.30 -7.81
N ALA B 178 -16.91 -15.20 -7.12
CA ALA B 178 -17.76 -14.61 -6.08
C ALA B 178 -19.15 -14.29 -6.64
N VAL B 179 -20.18 -14.70 -5.89
CA VAL B 179 -21.55 -14.69 -6.37
C VAL B 179 -22.38 -13.87 -5.38
N LEU B 180 -21.87 -12.69 -5.03
CA LEU B 180 -22.64 -11.77 -4.19
C LEU B 180 -24.06 -11.64 -4.74
N GLN B 181 -25.03 -12.11 -3.95
CA GLN B 181 -26.44 -12.11 -4.33
C GLN B 181 -27.28 -11.63 -3.15
N SER B 182 -27.77 -10.38 -3.24
CA SER B 182 -28.67 -9.77 -2.27
C SER B 182 -27.98 -9.56 -0.91
N SER B 183 -28.14 -8.35 -0.35
CA SER B 183 -27.65 -8.02 0.99
C SER B 183 -26.17 -8.35 1.17
N GLY B 184 -25.44 -8.45 0.05
CA GLY B 184 -24.01 -8.71 0.09
C GLY B 184 -23.64 -10.20 0.24
N LEU B 185 -24.64 -11.08 0.45
CA LEU B 185 -24.37 -12.49 0.72
C LEU B 185 -23.61 -13.12 -0.44
N TYR B 186 -22.54 -13.87 -0.11
CA TYR B 186 -21.71 -14.51 -1.11
C TYR B 186 -22.17 -15.94 -1.34
N SER B 187 -22.24 -16.33 -2.61
CA SER B 187 -22.58 -17.68 -3.02
C SER B 187 -21.51 -18.21 -3.98
N LEU B 188 -21.73 -19.41 -4.49
CA LEU B 188 -20.95 -19.99 -5.58
C LEU B 188 -21.66 -21.21 -6.13
N SER B 189 -21.13 -21.74 -7.23
CA SER B 189 -21.65 -22.93 -7.88
C SER B 189 -20.50 -23.84 -8.30
N SER B 190 -20.74 -25.16 -8.22
CA SER B 190 -19.78 -26.15 -8.68
C SER B 190 -20.55 -27.25 -9.41
N VAL B 191 -20.01 -27.70 -10.55
CA VAL B 191 -20.58 -28.80 -11.32
C VAL B 191 -19.42 -29.65 -11.83
N VAL B 192 -19.62 -30.96 -11.79
CA VAL B 192 -18.66 -31.91 -12.36
C VAL B 192 -19.32 -32.61 -13.55
N THR B 193 -18.56 -32.71 -14.65
CA THR B 193 -19.03 -33.39 -15.85
C THR B 193 -18.55 -34.83 -15.82
N VAL B 194 -19.50 -35.77 -15.76
CA VAL B 194 -19.18 -37.19 -15.60
C VAL B 194 -19.95 -38.00 -16.62
N PRO B 195 -19.50 -39.21 -17.00
CA PRO B 195 -20.27 -40.07 -17.89
C PRO B 195 -21.62 -40.47 -17.29
N SER B 196 -22.61 -40.66 -18.16
CA SER B 196 -23.95 -41.04 -17.75
C SER B 196 -23.98 -42.46 -17.16
N SER B 197 -23.07 -43.33 -17.60
CA SER B 197 -23.04 -44.71 -17.12
C SER B 197 -22.55 -44.82 -15.68
N SER B 198 -21.84 -43.79 -15.21
CA SER B 198 -21.21 -43.80 -13.89
C SER B 198 -22.03 -43.03 -12.85
N LEU B 199 -23.28 -42.67 -13.18
CA LEU B 199 -24.11 -41.90 -12.27
C LEU B 199 -24.39 -42.68 -10.99
N GLY B 200 -25.07 -43.83 -11.13
CA GLY B 200 -25.49 -44.64 -10.00
C GLY B 200 -24.37 -45.51 -9.42
N THR B 201 -23.32 -45.76 -10.23
CA THR B 201 -22.29 -46.72 -9.87
C THR B 201 -21.31 -46.13 -8.86
N GLN B 202 -21.00 -44.84 -9.02
CA GLN B 202 -19.99 -44.18 -8.21
C GLN B 202 -20.62 -43.05 -7.42
N THR B 203 -20.26 -42.95 -6.12
CA THR B 203 -20.85 -41.98 -5.21
C THR B 203 -20.17 -40.63 -5.39
N TYR B 204 -20.98 -39.57 -5.48
CA TYR B 204 -20.50 -38.23 -5.79
C TYR B 204 -20.85 -37.27 -4.66
N ILE B 205 -19.82 -36.81 -3.94
CA ILE B 205 -19.98 -36.04 -2.73
C ILE B 205 -19.34 -34.67 -2.92
N CYS B 206 -20.02 -33.63 -2.41
CA CYS B 206 -19.41 -32.32 -2.31
C CYS B 206 -18.79 -32.18 -0.92
N ASN B 207 -17.48 -31.88 -0.89
CA ASN B 207 -16.76 -31.69 0.35
C ASN B 207 -16.42 -30.21 0.50
N VAL B 208 -17.25 -29.49 1.25
CA VAL B 208 -17.14 -28.06 1.41
C VAL B 208 -16.65 -27.77 2.84
N ASN B 209 -15.45 -27.19 2.92
CA ASN B 209 -14.84 -26.87 4.22
C ASN B 209 -14.69 -25.36 4.32
N HIS B 210 -15.43 -24.75 5.25
CA HIS B 210 -15.35 -23.33 5.50
C HIS B 210 -14.61 -23.12 6.81
N LYS B 211 -13.31 -22.90 6.71
CA LYS B 211 -12.48 -22.71 7.89
C LYS B 211 -12.94 -21.51 8.73
N PRO B 212 -13.24 -20.31 8.18
CA PRO B 212 -13.59 -19.17 9.03
C PRO B 212 -14.80 -19.40 9.92
N SER B 213 -15.80 -20.13 9.41
CA SER B 213 -16.95 -20.51 10.21
C SER B 213 -16.82 -21.91 10.80
N ASN B 214 -15.74 -22.63 10.46
CA ASN B 214 -15.51 -23.99 10.93
C ASN B 214 -16.70 -24.90 10.59
N THR B 215 -17.26 -24.69 9.40
CA THR B 215 -18.41 -25.45 8.93
C THR B 215 -18.00 -26.35 7.77
N LYS B 216 -17.66 -27.60 8.09
CA LYS B 216 -17.35 -28.60 7.10
C LYS B 216 -18.61 -29.40 6.83
N VAL B 217 -19.16 -29.23 5.62
CA VAL B 217 -20.44 -29.83 5.25
C VAL B 217 -20.24 -30.70 4.02
N ASP B 218 -20.89 -31.88 4.03
CA ASP B 218 -20.86 -32.80 2.90
C ASP B 218 -22.29 -33.12 2.48
N LYS B 219 -22.52 -33.10 1.15
CA LYS B 219 -23.80 -33.46 0.58
C LYS B 219 -23.56 -34.23 -0.72
N ARG B 220 -24.35 -35.29 -0.91
CA ARG B 220 -24.18 -36.20 -2.03
C ARG B 220 -25.19 -35.87 -3.11
N VAL B 221 -24.71 -35.82 -4.35
CA VAL B 221 -25.55 -35.59 -5.51
C VAL B 221 -25.95 -36.95 -6.09
N GLU B 222 -27.25 -37.26 -5.96
CA GLU B 222 -27.79 -38.51 -6.47
C GLU B 222 -28.73 -38.18 -7.63
N PRO B 223 -28.37 -38.51 -8.88
CA PRO B 223 -29.22 -38.16 -10.03
C PRO B 223 -30.56 -38.88 -9.96
N LYS B 224 -31.64 -38.08 -9.90
CA LYS B 224 -33.00 -38.59 -9.82
C LYS B 224 -33.33 -39.34 -11.12
N SER B 225 -33.81 -40.57 -10.97
CA SER B 225 -34.20 -41.39 -12.10
C SER B 225 -35.65 -41.08 -12.46
N CYS B 226 -35.85 -40.50 -13.66
CA CYS B 226 -37.19 -40.12 -14.08
C CYS B 226 -37.42 -40.47 -15.56
N GLU C 1 -7.69 18.63 -15.31
CA GLU C 1 -7.65 17.34 -14.59
C GLU C 1 -7.06 16.27 -15.51
N ILE C 2 -6.53 15.21 -14.91
CA ILE C 2 -5.86 14.16 -15.65
C ILE C 2 -6.81 12.97 -15.79
N VAL C 3 -7.19 12.70 -17.04
CA VAL C 3 -7.87 11.47 -17.40
C VAL C 3 -7.01 10.75 -18.43
N LEU C 4 -6.34 9.68 -17.98
CA LEU C 4 -5.54 8.87 -18.89
C LEU C 4 -6.31 7.60 -19.25
N THR C 5 -6.70 7.50 -20.52
CA THR C 5 -7.44 6.34 -21.01
C THR C 5 -6.48 5.39 -21.71
N GLN C 6 -6.69 4.10 -21.49
CA GLN C 6 -5.81 3.09 -22.06
C GLN C 6 -6.34 2.58 -23.38
N SER C 7 -5.63 1.59 -23.92
CA SER C 7 -5.93 1.01 -25.21
C SER C 7 -7.19 0.16 -25.13
N PRO C 8 -7.72 -0.37 -26.26
CA PRO C 8 -8.76 -1.39 -26.20
C PRO C 8 -8.27 -2.66 -25.51
N GLY C 9 -8.28 -2.58 -24.18
CA GLY C 9 -7.68 -3.54 -23.27
C GLY C 9 -7.95 -5.00 -23.63
N THR C 10 -9.15 -5.28 -24.14
CA THR C 10 -9.57 -6.65 -24.40
C THR C 10 -8.80 -7.18 -25.60
N LEU C 11 -7.59 -7.67 -25.33
CA LEU C 11 -6.70 -8.12 -26.37
C LEU C 11 -6.79 -9.64 -26.49
N SER C 12 -7.41 -10.12 -27.56
CA SER C 12 -7.35 -11.52 -27.94
C SER C 12 -6.24 -11.67 -28.96
N LEU C 13 -5.10 -12.25 -28.55
CA LEU C 13 -3.91 -12.20 -29.37
C LEU C 13 -3.20 -13.54 -29.36
N SER C 14 -2.71 -13.95 -30.54
CA SER C 14 -2.05 -15.23 -30.70
C SER C 14 -0.61 -15.14 -30.17
N PRO C 15 -0.01 -16.26 -29.73
CA PRO C 15 1.31 -16.20 -29.10
C PRO C 15 2.37 -15.72 -30.08
N GLY C 16 3.30 -14.92 -29.57
CA GLY C 16 4.38 -14.36 -30.35
C GLY C 16 3.97 -13.11 -31.12
N GLU C 17 2.67 -12.86 -31.26
CA GLU C 17 2.22 -11.75 -32.08
C GLU C 17 2.38 -10.43 -31.32
N ARG C 18 2.47 -9.34 -32.08
CA ARG C 18 2.75 -8.03 -31.53
C ARG C 18 1.49 -7.46 -30.86
N ALA C 19 1.73 -6.58 -29.86
CA ALA C 19 0.68 -5.85 -29.18
C ALA C 19 1.12 -4.41 -28.95
N THR C 20 0.13 -3.51 -28.82
CA THR C 20 0.37 -2.10 -28.59
C THR C 20 -0.69 -1.56 -27.63
N LEU C 21 -0.23 -0.90 -26.56
CA LEU C 21 -1.11 -0.42 -25.50
C LEU C 21 -0.96 1.08 -25.35
N SER C 22 -1.85 1.84 -25.99
CA SER C 22 -1.88 3.29 -25.87
C SER C 22 -2.48 3.70 -24.53
N CYS C 23 -1.90 4.73 -23.91
CA CYS C 23 -2.33 5.29 -22.63
C CYS C 23 -2.60 6.79 -22.81
N ARG C 24 -3.39 7.11 -23.83
CA ARG C 24 -3.74 8.49 -24.13
C ARG C 24 -4.34 9.17 -22.90
N ALA C 25 -3.86 10.39 -22.63
CA ALA C 25 -4.26 11.14 -21.46
C ALA C 25 -5.12 12.34 -21.87
N SER C 26 -5.65 13.03 -20.86
CA SER C 26 -6.47 14.22 -21.06
C SER C 26 -5.63 15.50 -20.93
N GLN C 27 -4.32 15.38 -20.71
CA GLN C 27 -3.47 16.54 -20.51
C GLN C 27 -2.03 16.19 -20.86
N SER C 28 -1.22 17.22 -21.10
CA SER C 28 0.19 17.05 -21.44
C SER C 28 1.00 16.79 -20.17
N ILE C 29 1.80 15.72 -20.19
CA ILE C 29 2.59 15.30 -19.04
C ILE C 29 3.97 14.86 -19.54
N SER C 30 5.00 15.12 -18.73
CA SER C 30 6.35 14.69 -19.02
C SER C 30 6.40 13.18 -19.25
N SER C 31 7.26 12.77 -20.19
CA SER C 31 7.33 11.40 -20.66
C SER C 31 8.14 10.49 -19.74
N ASN C 32 8.35 10.91 -18.48
CA ASN C 32 9.14 10.13 -17.54
C ASN C 32 8.30 9.67 -16.36
N TYR C 33 7.29 10.46 -15.98
CA TYR C 33 6.50 10.20 -14.78
C TYR C 33 5.35 9.22 -15.03
N LEU C 34 5.49 8.33 -16.00
CA LEU C 34 4.50 7.29 -16.28
C LEU C 34 5.20 5.93 -16.33
N ALA C 35 4.53 4.92 -15.75
CA ALA C 35 5.03 3.56 -15.70
C ALA C 35 3.90 2.59 -16.02
N TRP C 36 4.29 1.36 -16.36
CA TRP C 36 3.33 0.32 -16.69
C TRP C 36 3.51 -0.85 -15.73
N TYR C 37 2.39 -1.40 -15.25
CA TYR C 37 2.40 -2.48 -14.28
C TYR C 37 1.58 -3.65 -14.82
N GLN C 38 2.08 -4.87 -14.55
CA GLN C 38 1.47 -6.11 -15.02
C GLN C 38 1.00 -6.96 -13.85
N GLN C 39 -0.27 -7.37 -13.88
CA GLN C 39 -0.91 -8.05 -12.77
C GLN C 39 -1.48 -9.40 -13.22
N LYS C 40 -0.98 -10.47 -12.61
CA LYS C 40 -1.70 -11.72 -12.64
C LYS C 40 -2.83 -11.68 -11.61
N PRO C 41 -4.04 -12.19 -11.92
CA PRO C 41 -5.15 -12.11 -11.00
C PRO C 41 -4.83 -12.81 -9.68
N GLY C 42 -5.32 -12.21 -8.59
CA GLY C 42 -5.13 -12.76 -7.26
C GLY C 42 -3.78 -12.38 -6.63
N GLN C 43 -2.99 -11.56 -7.34
CA GLN C 43 -1.77 -10.98 -6.78
C GLN C 43 -1.58 -9.60 -7.38
N ALA C 44 -0.81 -8.79 -6.67
CA ALA C 44 -0.58 -7.41 -7.06
C ALA C 44 0.23 -7.35 -8.35
N PRO C 45 0.08 -6.25 -9.11
CA PRO C 45 0.92 -6.01 -10.28
C PRO C 45 2.42 -5.91 -10.01
N ARG C 46 3.20 -5.79 -11.08
CA ARG C 46 4.65 -5.70 -11.03
C ARG C 46 5.13 -4.57 -11.92
N LEU C 47 6.31 -4.04 -11.60
CA LEU C 47 6.88 -2.93 -12.35
C LEU C 47 7.49 -3.43 -13.65
N LEU C 48 7.21 -2.69 -14.74
CA LEU C 48 7.69 -3.03 -16.07
C LEU C 48 8.52 -1.90 -16.68
N ILE C 49 8.05 -0.65 -16.54
CA ILE C 49 8.69 0.50 -17.17
C ILE C 49 9.04 1.53 -16.11
N TYR C 50 10.27 2.07 -16.22
CA TYR C 50 10.85 2.98 -15.26
C TYR C 50 10.81 4.41 -15.80
N GLY C 51 11.31 4.59 -17.02
CA GLY C 51 11.30 5.89 -17.68
C GLY C 51 11.68 5.75 -19.16
N ALA C 52 10.87 6.36 -20.05
CA ALA C 52 10.87 6.01 -21.48
C ALA C 52 10.65 4.50 -21.58
N SER C 53 11.50 3.78 -22.33
CA SER C 53 11.43 2.33 -22.32
C SER C 53 11.83 1.80 -20.94
N SER C 54 13.13 1.91 -20.64
CA SER C 54 13.74 1.49 -19.38
C SER C 54 13.15 0.17 -18.89
N ARG C 55 13.41 -0.89 -19.67
CA ARG C 55 12.98 -2.24 -19.35
C ARG C 55 13.35 -2.60 -17.92
N ALA C 56 12.36 -3.11 -17.17
CA ALA C 56 12.55 -3.35 -15.75
C ALA C 56 13.54 -4.48 -15.50
N THR C 57 14.09 -4.51 -14.29
CA THR C 57 15.02 -5.54 -13.83
C THR C 57 14.38 -6.91 -14.01
N GLY C 58 15.10 -7.79 -14.74
CA GLY C 58 14.61 -9.12 -15.05
C GLY C 58 13.79 -9.16 -16.33
N ILE C 59 13.05 -8.09 -16.61
CA ILE C 59 12.22 -8.00 -17.79
C ILE C 59 13.08 -7.57 -18.97
N PRO C 60 13.17 -8.38 -20.04
CA PRO C 60 14.01 -8.03 -21.18
C PRO C 60 13.42 -6.93 -22.07
N ASP C 61 14.08 -6.71 -23.22
CA ASP C 61 13.71 -5.71 -24.21
C ASP C 61 12.29 -5.93 -24.74
N ARG C 62 11.64 -7.02 -24.30
CA ARG C 62 10.34 -7.41 -24.81
C ARG C 62 9.31 -6.30 -24.66
N PHE C 63 9.45 -5.49 -23.59
CA PHE C 63 8.51 -4.42 -23.30
C PHE C 63 9.24 -3.09 -23.45
N SER C 64 9.00 -2.41 -24.58
CA SER C 64 9.70 -1.18 -24.90
C SER C 64 8.73 -0.14 -25.45
N GLY C 65 7.59 0.01 -24.76
CA GLY C 65 6.63 1.04 -25.11
C GLY C 65 7.15 2.44 -24.84
N SER C 66 6.56 3.44 -25.51
CA SER C 66 7.04 4.80 -25.43
C SER C 66 5.86 5.77 -25.51
N GLY C 67 6.15 7.04 -25.73
CA GLY C 67 5.15 8.08 -25.81
C GLY C 67 5.58 9.34 -25.07
N SER C 68 4.93 10.46 -25.39
CA SER C 68 5.29 11.75 -24.79
C SER C 68 4.10 12.70 -24.89
N GLY C 69 4.16 13.77 -24.09
CA GLY C 69 3.11 14.78 -24.09
C GLY C 69 1.78 14.24 -23.57
N THR C 70 0.85 14.00 -24.50
CA THR C 70 -0.43 13.37 -24.16
C THR C 70 -0.50 11.91 -24.62
N ASP C 71 0.39 11.52 -25.54
CA ASP C 71 0.40 10.17 -26.09
C ASP C 71 1.44 9.34 -25.36
N PHE C 72 1.03 8.16 -24.88
CA PHE C 72 1.94 7.21 -24.27
C PHE C 72 1.45 5.80 -24.58
N THR C 73 2.38 4.91 -24.94
CA THR C 73 2.01 3.58 -25.40
C THR C 73 2.94 2.54 -24.81
N LEU C 74 2.46 1.31 -24.79
CA LEU C 74 3.27 0.15 -24.45
C LEU C 74 3.16 -0.89 -25.56
N SER C 75 4.32 -1.37 -26.00
CA SER C 75 4.43 -2.30 -27.11
C SER C 75 4.94 -3.66 -26.62
N ILE C 76 4.34 -4.74 -27.12
CA ILE C 76 4.76 -6.10 -26.83
C ILE C 76 5.13 -6.76 -28.15
N ASN C 77 6.33 -7.35 -28.21
CA ASN C 77 6.88 -7.88 -29.45
C ASN C 77 6.53 -9.36 -29.63
N ARG C 78 6.54 -10.13 -28.54
CA ARG C 78 6.16 -11.54 -28.56
C ARG C 78 5.08 -11.79 -27.52
N LEU C 79 4.75 -13.06 -27.29
CA LEU C 79 3.85 -13.44 -26.22
C LEU C 79 4.36 -14.67 -25.50
N GLU C 80 4.33 -14.59 -24.17
CA GLU C 80 4.69 -15.66 -23.26
C GLU C 80 3.55 -15.76 -22.24
N PRO C 81 3.34 -16.93 -21.59
CA PRO C 81 2.24 -17.07 -20.64
C PRO C 81 2.18 -16.02 -19.55
N GLU C 82 3.34 -15.49 -19.13
CA GLU C 82 3.35 -14.44 -18.12
C GLU C 82 2.84 -13.11 -18.68
N ASP C 83 2.90 -12.93 -20.01
CA ASP C 83 2.44 -11.68 -20.62
C ASP C 83 0.92 -11.53 -20.53
N PHE C 84 0.20 -12.66 -20.47
CA PHE C 84 -1.26 -12.62 -20.43
C PHE C 84 -1.70 -12.19 -19.04
N ALA C 85 -1.82 -10.88 -18.86
CA ALA C 85 -2.16 -10.32 -17.56
C ALA C 85 -2.69 -8.91 -17.73
N MET C 86 -3.22 -8.36 -16.62
CA MET C 86 -3.71 -6.99 -16.59
C MET C 86 -2.52 -6.04 -16.68
N TYR C 87 -2.61 -5.05 -17.58
CA TYR C 87 -1.58 -4.03 -17.71
C TYR C 87 -2.13 -2.68 -17.26
N TYR C 88 -1.32 -1.95 -16.47
CA TYR C 88 -1.75 -0.71 -15.84
C TYR C 88 -0.72 0.38 -16.09
N CYS C 89 -1.18 1.52 -16.61
CA CYS C 89 -0.34 2.71 -16.71
C CYS C 89 -0.77 3.72 -15.65
N GLN C 90 0.24 4.32 -15.00
CA GLN C 90 0.01 5.21 -13.86
C GLN C 90 0.90 6.43 -13.96
N HIS C 91 0.33 7.59 -13.64
CA HIS C 91 1.06 8.85 -13.60
C HIS C 91 1.50 9.15 -12.18
N TYR C 92 2.76 9.58 -12.04
CA TYR C 92 3.31 9.89 -10.74
C TYR C 92 4.12 11.18 -10.78
N GLY C 93 3.57 12.20 -11.43
CA GLY C 93 4.29 13.45 -11.60
C GLY C 93 4.00 14.44 -10.47
N GLY C 94 5.09 15.00 -9.92
CA GLY C 94 5.02 16.09 -8.95
C GLY C 94 4.28 15.74 -7.67
N LEU C 95 4.04 16.78 -6.85
CA LEU C 95 3.22 16.65 -5.66
C LEU C 95 1.74 16.47 -6.02
N SER C 96 1.40 16.70 -7.29
CA SER C 96 0.03 16.53 -7.76
C SER C 96 -0.40 15.07 -7.60
N ARG C 97 -1.71 14.86 -7.66
CA ARG C 97 -2.31 13.55 -7.43
C ARG C 97 -1.90 12.57 -8.52
N TRP C 98 -1.63 11.33 -8.11
CA TRP C 98 -1.18 10.29 -9.02
C TRP C 98 -2.38 9.66 -9.72
N THR C 99 -2.41 9.78 -11.05
CA THR C 99 -3.50 9.24 -11.85
C THR C 99 -3.22 7.80 -12.23
N PHE C 100 -4.28 6.99 -12.30
CA PHE C 100 -4.17 5.57 -12.59
C PHE C 100 -5.05 5.18 -13.78
N GLY C 101 -4.69 4.06 -14.43
CA GLY C 101 -5.38 3.58 -15.62
C GLY C 101 -6.29 2.39 -15.36
N GLN C 102 -7.31 2.24 -16.22
CA GLN C 102 -8.40 1.30 -15.99
C GLN C 102 -7.93 -0.16 -16.08
N GLY C 103 -7.07 -0.46 -17.06
CA GLY C 103 -6.56 -1.81 -17.23
C GLY C 103 -6.67 -2.31 -18.66
N THR C 104 -6.01 -3.45 -18.91
CA THR C 104 -5.90 -4.00 -20.26
C THR C 104 -5.87 -5.52 -20.14
N LYS C 105 -6.81 -6.18 -20.84
CA LYS C 105 -6.99 -7.62 -20.73
C LYS C 105 -6.24 -8.31 -21.86
N VAL C 106 -4.95 -8.57 -21.62
CA VAL C 106 -4.14 -9.27 -22.61
C VAL C 106 -4.42 -10.75 -22.48
N GLU C 107 -5.04 -11.32 -23.51
CA GLU C 107 -5.40 -12.74 -23.50
C GLU C 107 -5.08 -13.35 -24.87
N ILE C 108 -5.36 -14.65 -24.98
CA ILE C 108 -4.90 -15.47 -26.08
C ILE C 108 -5.96 -15.49 -27.18
N LYS C 109 -5.52 -15.48 -28.44
CA LYS C 109 -6.53 -15.48 -29.48
C LYS C 109 -7.03 -16.91 -29.68
N ARG C 110 -8.36 -17.13 -29.63
CA ARG C 110 -8.97 -18.47 -29.64
C ARG C 110 -9.98 -18.57 -30.79
N THR C 111 -10.69 -19.71 -30.88
CA THR C 111 -11.78 -19.91 -31.83
C THR C 111 -13.08 -19.38 -31.23
N VAL C 112 -14.08 -19.10 -32.05
CA VAL C 112 -15.30 -18.59 -31.44
C VAL C 112 -16.09 -19.77 -30.89
N ALA C 113 -15.95 -20.00 -29.58
CA ALA C 113 -16.61 -21.12 -28.92
C ALA C 113 -18.08 -20.77 -28.67
N ALA C 114 -18.87 -21.81 -28.38
CA ALA C 114 -20.29 -21.66 -28.14
C ALA C 114 -20.62 -22.11 -26.72
N PRO C 115 -21.51 -21.38 -26.01
CA PRO C 115 -21.87 -21.78 -24.65
C PRO C 115 -22.78 -23.01 -24.68
N SER C 116 -22.29 -24.10 -24.09
CA SER C 116 -23.08 -25.30 -23.89
C SER C 116 -24.08 -25.02 -22.76
N VAL C 117 -25.32 -24.71 -23.13
CA VAL C 117 -26.32 -24.24 -22.19
C VAL C 117 -27.07 -25.43 -21.61
N PHE C 118 -27.01 -25.55 -20.28
CA PHE C 118 -27.78 -26.55 -19.55
C PHE C 118 -28.51 -25.86 -18.41
N ILE C 119 -29.82 -26.14 -18.30
CA ILE C 119 -30.63 -25.61 -17.21
C ILE C 119 -30.83 -26.71 -16.18
N PHE C 120 -31.07 -26.29 -14.93
CA PHE C 120 -31.22 -27.22 -13.83
C PHE C 120 -32.44 -26.87 -13.01
N PRO C 121 -33.36 -27.83 -12.77
CA PRO C 121 -34.51 -27.57 -11.91
C PRO C 121 -34.04 -27.39 -10.47
N PRO C 122 -34.75 -26.57 -9.66
CA PRO C 122 -34.40 -26.42 -8.25
C PRO C 122 -34.54 -27.75 -7.51
N SER C 123 -33.58 -28.00 -6.60
CA SER C 123 -33.51 -29.28 -5.89
C SER C 123 -34.58 -29.36 -4.81
N ASP C 124 -35.06 -30.58 -4.57
CA ASP C 124 -36.16 -30.82 -3.65
C ASP C 124 -35.80 -30.37 -2.22
N GLU C 125 -34.53 -30.54 -1.84
CA GLU C 125 -34.07 -30.08 -0.55
C GLU C 125 -34.20 -28.55 -0.44
N GLN C 126 -33.89 -27.85 -1.53
CA GLN C 126 -33.98 -26.40 -1.54
C GLN C 126 -35.45 -25.95 -1.50
N LEU C 127 -36.34 -26.70 -2.16
CA LEU C 127 -37.77 -26.40 -2.08
C LEU C 127 -38.27 -26.54 -0.66
N LYS C 128 -37.82 -27.58 0.05
CA LYS C 128 -38.24 -27.79 1.44
C LYS C 128 -37.75 -26.65 2.34
N SER C 129 -36.75 -25.89 1.87
CA SER C 129 -36.22 -24.74 2.59
C SER C 129 -37.02 -23.46 2.32
N GLY C 130 -38.01 -23.52 1.42
CA GLY C 130 -38.85 -22.37 1.13
C GLY C 130 -38.30 -21.46 0.02
N THR C 131 -37.24 -21.91 -0.67
CA THR C 131 -36.64 -21.15 -1.75
C THR C 131 -36.60 -21.99 -3.02
N ALA C 132 -36.28 -21.35 -4.15
CA ALA C 132 -36.16 -22.03 -5.43
C ALA C 132 -35.29 -21.20 -6.36
N SER C 133 -34.23 -21.82 -6.89
CA SER C 133 -33.31 -21.16 -7.82
C SER C 133 -33.09 -22.07 -9.01
N VAL C 134 -33.09 -21.47 -10.21
CA VAL C 134 -32.87 -22.20 -11.44
C VAL C 134 -31.52 -21.75 -12.01
N VAL C 135 -30.68 -22.73 -12.34
CA VAL C 135 -29.31 -22.46 -12.73
C VAL C 135 -29.18 -22.67 -14.24
N CYS C 136 -28.71 -21.63 -14.92
CA CYS C 136 -28.43 -21.66 -16.35
C CYS C 136 -26.92 -21.75 -16.55
N LEU C 137 -26.45 -22.94 -16.95
CA LEU C 137 -25.02 -23.22 -17.03
C LEU C 137 -24.52 -22.91 -18.44
N LEU C 138 -23.62 -21.94 -18.53
CA LEU C 138 -22.89 -21.64 -19.75
C LEU C 138 -21.45 -22.10 -19.58
N ASN C 139 -20.97 -22.88 -20.54
CA ASN C 139 -19.61 -23.40 -20.49
C ASN C 139 -18.96 -23.17 -21.84
N ASN C 140 -17.62 -23.21 -21.85
CA ASN C 140 -16.79 -23.23 -23.04
C ASN C 140 -17.34 -22.33 -24.14
N PHE C 141 -17.59 -21.07 -23.78
CA PHE C 141 -17.99 -20.07 -24.75
C PHE C 141 -16.88 -19.03 -24.90
N TYR C 142 -16.83 -18.43 -26.08
CA TYR C 142 -15.82 -17.44 -26.38
C TYR C 142 -16.28 -16.63 -27.57
N PRO C 143 -16.11 -15.28 -27.59
CA PRO C 143 -15.50 -14.49 -26.51
C PRO C 143 -16.36 -14.33 -25.26
N ARG C 144 -15.87 -13.52 -24.30
CA ARG C 144 -16.51 -13.37 -23.00
C ARG C 144 -17.90 -12.74 -23.11
N GLU C 145 -18.10 -11.81 -24.05
CA GLU C 145 -19.32 -11.03 -24.11
C GLU C 145 -20.50 -11.94 -24.44
N ALA C 146 -21.28 -12.26 -23.40
CA ALA C 146 -22.47 -13.07 -23.54
C ALA C 146 -23.64 -12.40 -22.84
N LYS C 147 -24.84 -12.56 -23.41
CA LYS C 147 -26.06 -12.07 -22.80
C LYS C 147 -26.93 -13.24 -22.39
N VAL C 148 -27.28 -13.27 -21.10
CA VAL C 148 -28.11 -14.34 -20.54
C VAL C 148 -29.44 -13.72 -20.13
N GLN C 149 -30.53 -14.32 -20.63
CA GLN C 149 -31.84 -13.74 -20.48
C GLN C 149 -32.83 -14.83 -20.05
N TRP C 150 -33.75 -14.47 -19.15
CA TRP C 150 -34.65 -15.42 -18.53
C TRP C 150 -36.09 -15.12 -18.95
N LYS C 151 -36.74 -16.12 -19.58
CA LYS C 151 -38.18 -16.05 -19.81
C LYS C 151 -38.85 -17.13 -18.97
N VAL C 152 -39.75 -16.70 -18.07
CA VAL C 152 -40.50 -17.61 -17.22
C VAL C 152 -41.97 -17.50 -17.60
N ASP C 153 -42.58 -18.64 -17.97
CA ASP C 153 -43.91 -18.67 -18.55
C ASP C 153 -44.02 -17.69 -19.72
N ASN C 154 -42.92 -17.59 -20.49
CA ASN C 154 -42.79 -16.64 -21.59
C ASN C 154 -42.98 -15.20 -21.09
N ALA C 155 -42.53 -14.92 -19.87
CA ALA C 155 -42.48 -13.57 -19.32
C ALA C 155 -41.02 -13.25 -19.00
N LEU C 156 -40.62 -12.01 -19.29
CA LEU C 156 -39.21 -11.66 -19.35
C LEU C 156 -38.77 -10.99 -18.06
N GLN C 157 -37.63 -11.45 -17.51
CA GLN C 157 -37.05 -10.85 -16.32
C GLN C 157 -35.52 -10.84 -16.45
N SER C 158 -34.90 -9.79 -15.90
CA SER C 158 -33.46 -9.65 -15.90
C SER C 158 -32.94 -9.26 -14.52
N GLY C 159 -33.82 -8.67 -13.70
CA GLY C 159 -33.45 -8.16 -12.39
C GLY C 159 -32.91 -9.23 -11.46
N ASN C 160 -33.63 -10.35 -11.39
CA ASN C 160 -33.27 -11.46 -10.51
C ASN C 160 -32.40 -12.44 -11.27
N SER C 161 -31.34 -11.92 -11.90
CA SER C 161 -30.39 -12.72 -12.64
C SER C 161 -28.99 -12.41 -12.10
N GLN C 162 -28.51 -13.25 -11.17
CA GLN C 162 -27.22 -13.05 -10.55
C GLN C 162 -26.17 -13.87 -11.32
N GLU C 163 -25.46 -13.19 -12.21
CA GLU C 163 -24.47 -13.86 -13.04
C GLU C 163 -23.06 -13.53 -12.57
N SER C 164 -22.11 -14.40 -12.91
CA SER C 164 -20.68 -14.14 -12.86
C SER C 164 -19.99 -14.98 -13.93
N VAL C 165 -18.73 -14.68 -14.21
CA VAL C 165 -18.01 -15.32 -15.30
C VAL C 165 -16.73 -15.92 -14.74
N THR C 166 -16.57 -17.22 -14.98
CA THR C 166 -15.30 -17.88 -14.68
C THR C 166 -14.26 -17.46 -15.71
N GLU C 167 -12.99 -17.42 -15.27
CA GLU C 167 -11.89 -17.16 -16.16
C GLU C 167 -11.73 -18.33 -17.13
N GLN C 168 -11.01 -18.08 -18.23
CA GLN C 168 -10.70 -19.12 -19.21
C GLN C 168 -10.02 -20.29 -18.51
N ASP C 169 -10.70 -21.45 -18.48
CA ASP C 169 -10.16 -22.63 -17.82
C ASP C 169 -8.92 -23.10 -18.56
N SER C 170 -7.87 -23.48 -17.82
CA SER C 170 -6.57 -23.82 -18.38
C SER C 170 -6.66 -24.95 -19.41
N LYS C 171 -7.54 -25.92 -19.15
CA LYS C 171 -7.71 -27.09 -20.00
C LYS C 171 -8.29 -26.74 -21.38
N ASP C 172 -9.02 -25.61 -21.47
CA ASP C 172 -9.71 -25.28 -22.70
C ASP C 172 -9.59 -23.80 -23.10
N SER C 173 -9.15 -22.93 -22.18
CA SER C 173 -8.87 -21.52 -22.45
C SER C 173 -10.12 -20.80 -22.96
N THR C 174 -11.22 -20.95 -22.22
CA THR C 174 -12.47 -20.30 -22.56
C THR C 174 -13.34 -20.19 -21.31
N TYR C 175 -14.29 -19.26 -21.36
CA TYR C 175 -15.05 -18.85 -20.19
C TYR C 175 -16.21 -19.81 -19.93
N SER C 176 -16.69 -19.81 -18.69
CA SER C 176 -17.90 -20.52 -18.29
C SER C 176 -18.72 -19.59 -17.40
N LEU C 177 -20.04 -19.59 -17.62
CA LEU C 177 -20.94 -18.66 -16.93
C LEU C 177 -22.06 -19.45 -16.26
N SER C 178 -22.58 -18.90 -15.16
CA SER C 178 -23.73 -19.44 -14.48
C SER C 178 -24.66 -18.30 -14.04
N SER C 179 -25.94 -18.41 -14.40
CA SER C 179 -26.97 -17.48 -13.98
C SER C 179 -27.98 -18.21 -13.09
N THR C 180 -28.29 -17.61 -11.94
CA THR C 180 -29.22 -18.19 -10.98
C THR C 180 -30.45 -17.31 -10.87
N LEU C 181 -31.62 -17.95 -10.97
CA LEU C 181 -32.90 -17.25 -10.86
C LEU C 181 -33.45 -17.45 -9.45
N THR C 182 -33.02 -16.59 -8.53
CA THR C 182 -33.42 -16.67 -7.14
C THR C 182 -34.87 -16.21 -7.00
N LEU C 183 -35.71 -17.06 -6.39
CA LEU C 183 -37.12 -16.78 -6.20
C LEU C 183 -37.67 -17.63 -5.07
N SER C 184 -38.69 -17.10 -4.39
CA SER C 184 -39.34 -17.79 -3.29
C SER C 184 -40.17 -18.96 -3.82
N LYS C 185 -40.43 -19.93 -2.94
CA LYS C 185 -41.20 -21.12 -3.31
C LYS C 185 -42.60 -20.76 -3.80
N ALA C 186 -43.15 -19.64 -3.32
CA ALA C 186 -44.43 -19.15 -3.82
C ALA C 186 -44.35 -18.85 -5.32
N ASP C 187 -43.25 -18.22 -5.74
CA ASP C 187 -43.01 -17.98 -7.15
C ASP C 187 -42.77 -19.28 -7.91
N TYR C 188 -42.19 -20.29 -7.22
CA TYR C 188 -41.95 -21.58 -7.83
C TYR C 188 -43.28 -22.24 -8.21
N GLU C 189 -44.25 -22.19 -7.31
CA GLU C 189 -45.56 -22.77 -7.57
C GLU C 189 -46.37 -21.92 -8.55
N LYS C 190 -46.18 -20.59 -8.52
CA LYS C 190 -46.95 -19.68 -9.36
C LYS C 190 -46.61 -19.86 -10.84
N HIS C 191 -45.34 -20.21 -11.14
CA HIS C 191 -44.86 -20.31 -12.51
C HIS C 191 -44.59 -21.76 -12.87
N LYS C 192 -44.94 -22.13 -14.11
CA LYS C 192 -44.79 -23.48 -14.59
C LYS C 192 -43.61 -23.61 -15.55
N VAL C 193 -43.49 -22.66 -16.48
CA VAL C 193 -42.48 -22.73 -17.53
C VAL C 193 -41.31 -21.85 -17.12
N TYR C 194 -40.12 -22.45 -17.10
CA TYR C 194 -38.88 -21.77 -16.80
C TYR C 194 -37.89 -22.06 -17.91
N ALA C 195 -37.15 -21.03 -18.35
CA ALA C 195 -36.20 -21.20 -19.44
C ALA C 195 -35.11 -20.12 -19.37
N CYS C 196 -34.03 -20.40 -20.10
CA CYS C 196 -32.89 -19.51 -20.23
C CYS C 196 -32.49 -19.42 -21.70
N GLU C 197 -32.73 -18.24 -22.29
CA GLU C 197 -32.30 -17.97 -23.66
C GLU C 197 -30.96 -17.25 -23.64
N VAL C 198 -30.01 -17.79 -24.42
CA VAL C 198 -28.63 -17.31 -24.41
C VAL C 198 -28.27 -16.86 -25.82
N THR C 199 -27.74 -15.64 -25.91
CA THR C 199 -27.26 -15.08 -27.16
C THR C 199 -25.76 -14.86 -27.07
N HIS C 200 -25.04 -15.30 -28.10
CA HIS C 200 -23.59 -15.17 -28.16
C HIS C 200 -23.17 -14.97 -29.62
N GLN C 201 -21.95 -14.44 -29.80
CA GLN C 201 -21.40 -14.26 -31.13
C GLN C 201 -21.23 -15.61 -31.83
N GLY C 202 -20.78 -16.62 -31.07
CA GLY C 202 -20.68 -17.99 -31.54
C GLY C 202 -22.03 -18.63 -31.84
N LEU C 203 -23.12 -17.99 -31.38
CA LEU C 203 -24.47 -18.49 -31.60
C LEU C 203 -25.20 -17.54 -32.54
N SER C 204 -25.26 -17.91 -33.83
CA SER C 204 -25.96 -17.13 -34.83
C SER C 204 -27.43 -16.94 -34.45
N SER C 205 -28.07 -18.03 -34.00
CA SER C 205 -29.41 -18.01 -33.45
C SER C 205 -29.35 -18.22 -31.94
N PRO C 206 -30.01 -17.36 -31.13
CA PRO C 206 -30.00 -17.54 -29.68
C PRO C 206 -30.60 -18.88 -29.29
N VAL C 207 -29.97 -19.52 -28.31
CA VAL C 207 -30.40 -20.82 -27.84
C VAL C 207 -31.20 -20.64 -26.55
N THR C 208 -32.35 -21.32 -26.48
CA THR C 208 -33.22 -21.24 -25.33
C THR C 208 -33.34 -22.63 -24.71
N LYS C 209 -32.72 -22.81 -23.53
CA LYS C 209 -32.82 -24.07 -22.80
C LYS C 209 -33.98 -23.98 -21.82
N SER C 210 -34.99 -24.84 -22.06
CA SER C 210 -36.24 -24.80 -21.31
C SER C 210 -36.42 -26.11 -20.54
N PHE C 211 -37.01 -26.01 -19.34
CA PHE C 211 -37.39 -27.18 -18.57
C PHE C 211 -38.76 -26.96 -17.96
N ASN C 212 -39.43 -28.07 -17.64
CA ASN C 212 -40.74 -28.06 -17.01
C ASN C 212 -40.66 -28.77 -15.67
N ARG C 213 -41.33 -28.19 -14.67
CA ARG C 213 -41.32 -28.75 -13.31
C ARG C 213 -42.00 -30.12 -13.26
N GLY C 214 -42.90 -30.40 -14.22
CA GLY C 214 -43.57 -31.69 -14.30
C GLY C 214 -42.60 -32.83 -14.60
N GLU C 215 -41.64 -32.58 -15.51
CA GLU C 215 -40.67 -33.58 -15.91
C GLU C 215 -39.33 -33.39 -15.20
N CYS C 216 -38.88 -32.14 -15.05
CA CYS C 216 -37.68 -31.86 -14.26
C CYS C 216 -38.07 -31.41 -12.85
#